data_5F3J
#
_entry.id   5F3J
#
_cell.length_a   84.940
_cell.length_b   63.940
_cell.length_c   108.880
_cell.angle_alpha   90.00
_cell.angle_beta   100.09
_cell.angle_gamma   90.00
#
_symmetry.space_group_name_H-M   'P 1 21 1'
#
loop_
_entity.id
_entity.type
_entity.pdbx_description
1 polymer 'Duffy receptor'
2 polymer 'Antibody 2D10 single chain variable fragment'
#
loop_
_entity_poly.entity_id
_entity_poly.type
_entity_poly.pdbx_seq_one_letter_code
_entity_poly.pdbx_strand_id
1 'polypeptide(L)'
;ASNTVMKNCNYKRKRRERDWDCNTKKDVCIPDRRYQLCMKELTNLVNNTDTNFHRDITFRKLYLKRKLIYDAAVEGDLLL
KLNNYRYNKDFCKDIRWSLGDFGDIIMGTDMEGIGYSKVVENNLRSIFGTDEKAQQRRKQWWNESKAQIWTAMMYSVKKR
LKGNFIWICKLNVAVNIEPQIYRWIREWGRDYVSELPTEVQKLKEKCDGKINYTDKKVCKVPPCQNACKSYDQWITRKKN
QWDVLSNKFISVKNAEKVQTAGIVTPYDILKQELDEFNEVAFENEINKRDGAYIELCVCSVEEAKKNTQEVVTNVDN
;
A,B
2 'polypeptide(L)'
;MGILPSPGMPALLSLVSLLSVLLMGCVAETGLAAQPAMADIVITQDELSNPVTSGESVSISCRSSKSLLYQDGKTYLNWF
LQRPGQSPQLLIYLMSTRASGVSDRFSGSGSGTDFTLEISRVEAEDVGVYYCQQLVEYPLTFGAGTKLELKRADGGGGSG
GGGSGGGGSQVQLQQSGPELVKPGASVKISCKASGYAFISSWMNWVKQRPGKGLEWIGRIYPGDGDTHYNGKFKGKATLT
ADKSSSTAYMQLSSLTSEDSAVYFCAREETAQTGGFDYWGQGTTLTVSSEASGADHGTKHHHHHH
;
C,D
#
# COMPACT_ATOMS: atom_id res chain seq x y z
N TYR A 11 12.61 9.63 22.85
CA TYR A 11 13.58 10.17 23.80
C TYR A 11 14.21 11.45 23.27
N LYS A 12 13.47 12.55 23.32
CA LYS A 12 13.99 13.83 22.87
C LYS A 12 14.78 14.45 24.01
N ARG A 13 16.06 14.70 23.77
CA ARG A 13 16.91 15.31 24.79
C ARG A 13 16.34 16.66 25.20
N LYS A 14 16.45 16.96 26.50
CA LYS A 14 15.93 18.22 27.01
C LYS A 14 16.51 19.38 26.23
N ARG A 15 15.66 20.34 25.89
CA ARG A 15 16.09 21.46 25.07
C ARG A 15 17.11 22.29 25.82
N ARG A 16 17.91 23.04 25.04
CA ARG A 16 19.04 23.81 25.55
C ARG A 16 20.11 22.92 26.14
N GLU A 17 20.08 21.63 25.78
CA GLU A 17 21.23 20.74 25.94
C GLU A 17 22.04 20.66 24.66
N ARG A 18 21.49 21.13 23.54
CA ARG A 18 22.20 21.24 22.28
C ARG A 18 21.71 22.49 21.56
N ASP A 19 22.63 23.31 21.10
CA ASP A 19 22.25 24.56 20.45
C ASP A 19 22.20 24.38 18.94
N TRP A 20 21.84 25.46 18.25
CA TRP A 20 21.80 25.44 16.80
C TRP A 20 23.22 25.36 16.26
N ASP A 21 23.47 24.36 15.41
CA ASP A 21 24.80 24.11 14.87
C ASP A 21 24.93 24.79 13.51
N CYS A 22 25.77 25.82 13.43
CA CYS A 22 26.01 26.52 12.18
C CYS A 22 27.23 25.99 11.43
N ASN A 23 27.89 24.96 11.95
CA ASN A 23 29.10 24.44 11.32
C ASN A 23 28.79 23.50 10.15
N THR A 24 27.76 22.66 10.29
CA THR A 24 27.46 21.67 9.25
C THR A 24 27.08 22.35 7.94
N LYS A 25 26.07 23.22 7.99
CA LYS A 25 25.74 24.11 6.89
C LYS A 25 25.97 25.53 7.37
N LYS A 26 26.96 26.20 6.81
CA LYS A 26 27.32 27.54 7.26
C LYS A 26 26.41 28.63 6.70
N ASP A 27 25.52 28.29 5.77
CA ASP A 27 24.58 29.27 5.26
C ASP A 27 23.38 29.44 6.20
N VAL A 28 23.04 28.43 6.98
CA VAL A 28 21.91 28.52 7.92
C VAL A 28 22.19 27.63 9.12
N CYS A 29 21.81 28.10 10.30
CA CYS A 29 21.96 27.32 11.53
C CYS A 29 20.73 26.45 11.77
N ILE A 30 20.98 25.21 12.17
CA ILE A 30 19.94 24.19 12.27
C ILE A 30 19.64 23.93 13.74
N PRO A 31 18.39 24.06 14.18
CA PRO A 31 18.06 23.77 15.58
C PRO A 31 18.25 22.29 15.90
N ASP A 32 18.51 21.98 17.17
CA ASP A 32 18.67 20.58 17.54
C ASP A 32 17.34 19.83 17.46
N ARG A 33 16.22 20.52 17.63
CA ARG A 33 14.93 19.86 17.50
C ARG A 33 14.76 19.27 16.11
N ARG A 34 15.12 20.03 15.08
CA ARG A 34 15.06 19.54 13.72
C ARG A 34 16.07 18.41 13.50
N TYR A 35 17.20 18.46 14.20
CA TYR A 35 18.17 17.37 14.09
C TYR A 35 17.57 16.06 14.58
N GLN A 36 16.74 16.11 15.61
CA GLN A 36 16.16 14.92 16.23
C GLN A 36 14.79 14.57 15.66
N LEU A 37 14.35 15.27 14.62
CA LEU A 37 13.08 14.95 13.96
C LEU A 37 13.06 13.48 13.59
N CYS A 38 11.97 12.79 13.96
CA CYS A 38 11.89 11.35 13.74
C CYS A 38 11.23 11.10 12.39
N MET A 39 12.05 10.76 11.40
CA MET A 39 11.63 10.36 10.06
C MET A 39 11.77 8.86 9.81
N LYS A 40 12.11 8.08 10.83
CA LYS A 40 12.65 6.73 10.65
C LYS A 40 11.84 5.86 9.70
N GLU A 41 10.51 6.00 9.69
CA GLU A 41 9.71 5.17 8.81
C GLU A 41 9.74 5.68 7.37
N LEU A 42 9.84 6.99 7.19
CA LEU A 42 9.96 7.56 5.84
C LEU A 42 11.24 7.12 5.15
N THR A 43 12.19 6.56 5.88
CA THR A 43 13.39 5.99 5.31
C THR A 43 13.20 4.54 4.86
N ASN A 44 12.00 3.99 5.03
CA ASN A 44 11.72 2.63 4.61
C ASN A 44 10.65 2.58 3.52
N PHE A 59 -2.25 3.59 -4.95
CA PHE A 59 -1.06 4.33 -5.33
C PHE A 59 -0.08 4.44 -4.17
N ARG A 60 1.13 4.92 -4.45
CA ARG A 60 2.14 5.09 -3.41
C ARG A 60 1.83 6.28 -2.53
N LYS A 61 1.07 7.25 -3.04
CA LYS A 61 0.73 8.45 -2.27
C LYS A 61 0.04 8.08 -0.97
N LEU A 62 -0.97 7.22 -1.03
CA LEU A 62 -1.60 6.72 0.18
C LEU A 62 -0.68 5.78 0.96
N TYR A 63 0.30 5.18 0.30
CA TYR A 63 1.30 4.39 1.01
C TYR A 63 2.28 5.30 1.74
N LEU A 64 2.51 6.50 1.20
CA LEU A 64 3.43 7.44 1.84
C LEU A 64 2.79 8.13 3.02
N LYS A 65 1.47 8.32 3.00
CA LYS A 65 0.79 8.93 4.13
C LYS A 65 0.87 8.06 5.38
N ARG A 66 0.94 6.74 5.20
CA ARG A 66 1.01 5.83 6.34
C ARG A 66 2.39 5.85 6.99
N LYS A 67 3.45 5.67 6.18
CA LYS A 67 4.80 5.71 6.72
C LYS A 67 5.07 7.04 7.41
N LEU A 68 4.51 8.13 6.87
CA LEU A 68 4.69 9.44 7.46
C LEU A 68 3.82 9.61 8.70
N ILE A 69 2.74 8.83 8.81
CA ILE A 69 1.86 8.95 9.96
C ILE A 69 2.50 8.33 11.20
N TYR A 70 3.35 7.31 11.01
CA TYR A 70 4.07 6.73 12.14
C TYR A 70 5.10 7.72 12.68
N ASP A 71 5.90 8.28 11.78
CA ASP A 71 6.87 9.29 12.17
C ASP A 71 6.20 10.52 12.77
N ALA A 72 5.02 10.88 12.25
CA ALA A 72 4.24 11.96 12.85
C ALA A 72 3.63 11.54 14.18
N ALA A 73 3.46 10.23 14.40
CA ALA A 73 2.96 9.75 15.68
C ALA A 73 4.05 9.79 16.75
N VAL A 74 5.13 9.04 16.55
CA VAL A 74 6.23 8.98 17.51
C VAL A 74 6.72 10.37 17.87
N GLU A 75 7.02 11.18 16.84
CA GLU A 75 7.53 12.53 17.05
C GLU A 75 6.66 13.34 18.01
N GLY A 76 5.40 13.57 17.61
CA GLY A 76 4.49 14.34 18.45
C GLY A 76 4.29 13.74 19.83
N ASP A 77 4.47 12.43 19.97
CA ASP A 77 4.34 11.80 21.28
C ASP A 77 5.57 12.02 22.14
N LEU A 78 6.77 11.92 21.55
CA LEU A 78 7.99 12.08 22.34
C LEU A 78 8.17 13.51 22.79
N LEU A 79 7.80 14.48 21.94
CA LEU A 79 7.94 15.89 22.29
C LEU A 79 7.10 16.24 23.50
N LEU A 80 5.93 15.59 23.66
CA LEU A 80 5.11 15.83 24.84
C LEU A 80 5.81 15.32 26.10
N LYS A 81 6.36 14.10 26.04
CA LYS A 81 7.13 13.57 27.16
C LYS A 81 8.35 14.46 27.44
N LEU A 82 8.98 14.95 26.38
CA LEU A 82 10.05 15.94 26.53
C LEU A 82 9.56 17.17 27.27
N ASN A 83 8.27 17.47 27.14
CA ASN A 83 7.66 18.63 27.77
C ASN A 83 7.16 18.33 29.17
N ASN A 84 7.50 17.15 29.71
CA ASN A 84 7.07 16.69 31.04
C ASN A 84 5.57 16.44 31.08
N TYR A 85 5.02 15.91 29.99
CA TYR A 85 3.62 15.51 29.88
C TYR A 85 2.67 16.68 30.15
N ARG A 86 3.14 17.90 29.97
CA ARG A 86 2.38 19.09 30.28
C ARG A 86 1.77 19.67 29.02
N TYR A 87 0.56 20.20 29.14
CA TYR A 87 -0.10 20.89 28.05
C TYR A 87 0.08 22.38 28.27
N ASN A 88 0.94 22.99 27.48
CA ASN A 88 1.27 24.41 27.58
C ASN A 88 1.79 24.88 26.24
N LYS A 89 1.86 26.21 26.09
CA LYS A 89 2.25 26.82 24.82
C LYS A 89 3.58 26.25 24.30
N ASP A 90 4.49 25.90 25.21
CA ASP A 90 5.77 25.33 24.79
C ASP A 90 5.58 24.06 23.99
N PHE A 91 4.58 23.24 24.36
CA PHE A 91 4.34 21.99 23.66
C PHE A 91 3.76 22.24 22.27
N CYS A 92 2.79 23.15 22.17
CA CYS A 92 2.20 23.45 20.87
C CYS A 92 3.21 24.08 19.92
N LYS A 93 4.22 24.75 20.47
CA LYS A 93 5.31 25.27 19.64
C LYS A 93 6.15 24.13 19.08
N ASP A 94 6.49 23.14 19.92
CA ASP A 94 7.30 22.02 19.48
C ASP A 94 6.59 21.18 18.43
N ILE A 95 5.26 21.07 18.52
CA ILE A 95 4.52 20.35 17.50
C ILE A 95 4.49 21.14 16.20
N ARG A 96 4.38 22.47 16.31
CA ARG A 96 4.25 23.30 15.12
C ARG A 96 5.54 23.30 14.29
N TRP A 97 6.67 23.59 14.93
CA TRP A 97 7.94 23.59 14.21
C TRP A 97 8.26 22.21 13.66
N SER A 98 7.90 21.16 14.41
CA SER A 98 8.13 19.80 13.93
C SER A 98 7.19 19.46 12.77
N LEU A 99 5.97 19.98 12.81
CA LEU A 99 5.02 19.73 11.72
C LEU A 99 5.54 20.32 10.41
N GLY A 100 5.91 21.59 10.42
CA GLY A 100 6.38 22.23 9.19
C GLY A 100 7.65 21.62 8.67
N ASP A 101 8.50 21.10 9.56
CA ASP A 101 9.73 20.45 9.13
C ASP A 101 9.43 19.25 8.25
N PHE A 102 8.35 18.54 8.54
CA PHE A 102 7.92 17.43 7.69
C PHE A 102 7.61 17.92 6.28
N GLY A 103 6.82 18.99 6.18
CA GLY A 103 6.44 19.49 4.87
C GLY A 103 7.64 19.87 4.02
N ASP A 104 8.66 20.46 4.65
CA ASP A 104 9.84 20.85 3.89
C ASP A 104 10.58 19.64 3.34
N ILE A 105 10.52 18.52 4.04
CA ILE A 105 11.12 17.30 3.50
C ILE A 105 10.23 16.69 2.45
N ILE A 106 8.91 16.74 2.65
CA ILE A 106 8.00 16.11 1.69
C ILE A 106 7.86 16.98 0.45
N MET A 107 8.00 18.30 0.58
CA MET A 107 7.90 19.20 -0.56
C MET A 107 9.23 19.40 -1.28
N GLY A 108 10.34 18.99 -0.67
CA GLY A 108 11.65 19.23 -1.25
C GLY A 108 12.23 20.58 -0.95
N THR A 109 11.58 21.36 -0.09
CA THR A 109 12.05 22.69 0.30
C THR A 109 12.91 22.68 1.56
N ASP A 110 13.23 21.50 2.10
CA ASP A 110 13.99 21.40 3.34
C ASP A 110 15.45 21.81 3.14
N MET A 111 15.93 22.70 4.01
CA MET A 111 17.31 23.19 3.97
C MET A 111 18.22 22.44 4.92
N GLU A 112 17.69 21.48 5.68
CA GLU A 112 18.45 20.75 6.69
C GLU A 112 19.16 19.53 6.15
N GLY A 113 18.85 19.08 4.94
CA GLY A 113 19.21 17.72 4.55
C GLY A 113 20.68 17.40 4.65
N ILE A 114 20.98 16.50 5.57
CA ILE A 114 22.33 16.03 5.88
C ILE A 114 22.14 14.62 6.43
N GLY A 115 23.09 13.73 6.12
CA GLY A 115 22.97 12.37 6.60
C GLY A 115 21.81 11.64 5.96
N TYR A 116 20.88 11.17 6.78
CA TYR A 116 19.75 10.40 6.26
C TYR A 116 18.53 11.27 5.92
N SER A 117 18.57 12.57 6.19
CA SER A 117 17.50 13.43 5.69
C SER A 117 17.66 13.72 4.21
N LYS A 118 18.86 13.47 3.67
CA LYS A 118 19.03 13.43 2.22
C LYS A 118 18.37 12.19 1.63
N VAL A 119 18.36 11.09 2.39
CA VAL A 119 17.82 9.83 1.90
C VAL A 119 16.30 9.91 1.78
N VAL A 120 15.65 10.59 2.73
CA VAL A 120 14.21 10.76 2.65
C VAL A 120 13.83 11.54 1.39
N GLU A 121 14.60 12.58 1.07
CA GLU A 121 14.35 13.34 -0.14
C GLU A 121 14.45 12.46 -1.39
N ASN A 122 15.48 11.59 -1.42
CA ASN A 122 15.63 10.71 -2.56
C ASN A 122 14.57 9.63 -2.61
N ASN A 123 14.08 9.20 -1.43
CA ASN A 123 13.01 8.21 -1.38
C ASN A 123 11.72 8.76 -1.98
N LEU A 124 11.35 9.98 -1.57
CA LEU A 124 10.13 10.61 -2.06
C LEU A 124 10.19 10.92 -3.55
N ARG A 125 11.40 11.03 -4.11
CA ARG A 125 11.53 11.34 -5.52
C ARG A 125 10.92 10.26 -6.40
N SER A 126 11.41 9.02 -6.26
CA SER A 126 10.85 7.93 -7.04
C SER A 126 9.40 7.66 -6.68
N ILE A 127 8.96 8.12 -5.50
CA ILE A 127 7.56 8.01 -5.11
C ILE A 127 6.73 9.09 -5.78
N PHE A 128 7.21 10.34 -5.79
CA PHE A 128 6.48 11.45 -6.40
C PHE A 128 6.94 11.80 -7.81
N GLY A 129 8.00 11.19 -8.31
CA GLY A 129 8.54 11.56 -9.61
C GLY A 129 9.52 12.72 -9.56
N THR A 130 10.48 12.74 -10.48
CA THR A 130 11.48 13.79 -10.54
C THR A 130 11.18 14.87 -11.57
N ASP A 131 10.04 14.79 -12.27
CA ASP A 131 9.77 15.67 -13.41
C ASP A 131 9.57 17.12 -12.97
N GLU A 132 9.71 18.02 -13.95
CA GLU A 132 9.61 19.45 -13.69
C GLU A 132 8.31 19.80 -12.99
N LYS A 133 7.22 19.14 -13.38
CA LYS A 133 5.93 19.34 -12.73
C LYS A 133 5.83 18.62 -11.40
N ALA A 134 6.66 17.59 -11.19
CA ALA A 134 6.53 16.76 -9.98
C ALA A 134 6.81 17.57 -8.72
N GLN A 135 7.60 18.64 -8.82
CA GLN A 135 7.77 19.55 -7.70
C GLN A 135 6.44 20.19 -7.32
N GLN A 136 5.53 20.34 -8.28
CA GLN A 136 4.21 20.88 -8.01
C GLN A 136 3.29 19.84 -7.37
N ARG A 137 3.51 18.56 -7.65
CA ARG A 137 2.68 17.52 -7.04
C ARG A 137 2.92 17.41 -5.54
N ARG A 138 4.17 17.63 -5.11
CA ARG A 138 4.51 17.49 -3.69
C ARG A 138 3.73 18.47 -2.84
N LYS A 139 3.58 19.72 -3.31
CA LYS A 139 2.85 20.72 -2.54
C LYS A 139 1.38 20.35 -2.42
N GLN A 140 0.77 19.91 -3.51
CA GLN A 140 -0.65 19.56 -3.51
C GLN A 140 -0.92 18.44 -2.51
N TRP A 141 -0.06 17.41 -2.51
CA TRP A 141 -0.26 16.29 -1.60
C TRP A 141 -0.11 16.72 -0.15
N TRP A 142 0.87 17.58 0.13
CA TRP A 142 1.04 18.09 1.49
C TRP A 142 -0.01 19.15 1.83
N ASN A 143 -0.71 19.67 0.83
CA ASN A 143 -1.78 20.63 1.10
C ASN A 143 -2.97 19.94 1.73
N GLU A 144 -3.34 18.76 1.23
CA GLU A 144 -4.48 18.04 1.78
C GLU A 144 -4.09 17.27 3.04
N SER A 145 -2.89 16.67 3.04
CA SER A 145 -2.49 15.77 4.12
C SER A 145 -2.26 16.51 5.44
N LYS A 146 -1.85 17.78 5.37
CA LYS A 146 -1.36 18.48 6.55
C LYS A 146 -2.42 18.55 7.65
N ALA A 147 -3.69 18.71 7.27
CA ALA A 147 -4.77 18.74 8.26
C ALA A 147 -4.88 17.43 9.01
N GLN A 148 -4.48 16.32 8.38
CA GLN A 148 -4.51 15.02 9.01
C GLN A 148 -3.25 14.79 9.86
N ILE A 149 -2.09 14.85 9.21
CA ILE A 149 -0.79 14.65 9.88
C ILE A 149 -0.71 15.42 11.19
N TRP A 150 -1.25 16.65 11.20
CA TRP A 150 -1.22 17.46 12.42
C TRP A 150 -1.88 16.74 13.58
N THR A 151 -3.06 16.15 13.34
CA THR A 151 -3.75 15.42 14.39
C THR A 151 -3.03 14.14 14.79
N ALA A 152 -2.21 13.58 13.90
CA ALA A 152 -1.50 12.35 14.21
C ALA A 152 -0.37 12.55 15.20
N MET A 153 -0.01 13.79 15.50
CA MET A 153 1.03 14.08 16.47
C MET A 153 0.48 14.30 17.88
N MET A 154 -0.83 14.34 18.03
CA MET A 154 -1.47 14.58 19.30
C MET A 154 -2.42 13.44 19.68
N GLU A 178 4.20 28.20 5.56
CA GLU A 178 5.20 29.22 5.81
C GLU A 178 6.61 28.68 5.57
N PRO A 179 7.47 29.48 4.93
CA PRO A 179 8.82 29.03 4.63
C PRO A 179 9.58 28.54 5.86
N GLN A 180 10.54 27.65 5.62
CA GLN A 180 11.22 26.99 6.72
C GLN A 180 12.04 27.97 7.55
N ILE A 181 12.69 28.93 6.90
CA ILE A 181 13.52 29.88 7.64
C ILE A 181 12.65 30.79 8.50
N TYR A 182 11.44 31.12 8.03
CA TYR A 182 10.54 31.97 8.80
C TYR A 182 10.14 31.29 10.11
N ARG A 183 9.98 29.97 10.07
CA ARG A 183 9.65 29.24 11.29
C ARG A 183 10.83 29.20 12.25
N TRP A 184 12.04 29.00 11.72
CA TRP A 184 13.23 28.89 12.56
C TRP A 184 13.57 30.22 13.26
N ILE A 185 13.09 31.34 12.72
CA ILE A 185 13.27 32.62 13.42
C ILE A 185 12.30 32.71 14.60
N ARG A 186 11.14 32.07 14.48
CA ARG A 186 10.20 32.00 15.60
C ARG A 186 10.73 31.10 16.70
N GLU A 187 11.38 30.01 16.33
CA GLU A 187 11.95 29.09 17.33
C GLU A 187 13.18 29.68 17.99
N TRP A 188 14.07 30.29 17.20
CA TRP A 188 15.25 30.94 17.78
C TRP A 188 14.84 32.07 18.72
N GLY A 189 13.77 32.78 18.36
CA GLY A 189 13.30 33.86 19.21
C GLY A 189 12.82 33.37 20.56
N ARG A 190 12.08 32.25 20.57
CA ARG A 190 11.66 31.68 21.85
C ARG A 190 12.83 31.09 22.62
N ASP A 191 13.92 30.75 21.92
CA ASP A 191 15.12 30.29 22.61
C ASP A 191 15.77 31.43 23.39
N TYR A 192 16.04 32.55 22.70
CA TYR A 192 16.76 33.67 23.32
C TYR A 192 16.01 34.26 24.51
N VAL A 193 14.68 34.19 24.51
CA VAL A 193 13.94 34.84 25.58
C VAL A 193 13.94 33.99 26.85
N SER A 194 13.99 32.66 26.71
CA SER A 194 14.10 31.76 27.86
C SER A 194 15.54 31.41 28.23
N GLU A 195 16.50 31.66 27.33
CA GLU A 195 17.91 31.48 27.65
C GLU A 195 18.55 32.73 28.23
N LEU A 196 17.90 33.89 28.06
CA LEU A 196 18.45 35.13 28.60
C LEU A 196 18.38 35.17 30.13
N PRO A 197 17.23 34.94 30.77
CA PRO A 197 17.20 35.09 32.24
C PRO A 197 18.08 34.09 32.96
N THR A 198 18.38 32.93 32.34
CA THR A 198 19.25 31.96 32.98
C THR A 198 20.70 32.44 33.00
N GLU A 199 21.19 32.92 31.85
CA GLU A 199 22.57 33.38 31.75
C GLU A 199 22.80 34.59 32.64
N VAL A 200 21.86 35.54 32.63
CA VAL A 200 21.98 36.70 33.49
C VAL A 200 21.91 36.29 34.96
N GLN A 201 21.06 35.30 35.27
CA GLN A 201 20.95 34.82 36.64
C GLN A 201 22.26 34.18 37.10
N LYS A 202 22.79 33.24 36.30
CA LYS A 202 24.05 32.61 36.65
C LYS A 202 25.17 33.62 36.80
N LEU A 203 25.06 34.76 36.12
CA LEU A 203 26.05 35.82 36.23
C LEU A 203 25.85 36.65 37.50
N LYS A 204 24.58 36.91 37.88
CA LYS A 204 24.32 37.70 39.07
C LYS A 204 24.83 37.03 40.33
N GLU A 205 24.79 35.71 40.38
CA GLU A 205 25.30 34.99 41.54
C GLU A 205 26.80 35.22 41.71
N LYS A 206 27.56 35.00 40.64
CA LYS A 206 29.02 35.03 40.74
C LYS A 206 29.59 36.45 40.69
N CYS A 207 28.89 37.41 40.07
CA CYS A 207 29.35 38.80 40.04
C CYS A 207 28.29 39.72 40.64
N ASP A 208 28.57 40.22 41.84
CA ASP A 208 27.77 41.27 42.48
C ASP A 208 28.57 41.92 43.58
N GLY A 209 28.13 43.12 43.94
CA GLY A 209 28.50 43.81 45.17
C GLY A 209 29.74 44.66 45.04
N LYS A 210 29.84 45.71 45.87
CA LYS A 210 31.00 46.57 45.72
C LYS A 210 32.21 46.04 46.50
N ILE A 211 32.03 44.99 47.33
CA ILE A 211 33.12 44.29 48.02
C ILE A 211 34.35 45.14 48.37
N THR A 214 34.11 50.12 46.37
CA THR A 214 33.36 50.93 45.42
C THR A 214 33.57 50.48 43.99
N ASP A 215 34.03 49.24 43.83
CA ASP A 215 34.27 48.65 42.52
C ASP A 215 33.62 47.27 42.46
N LYS A 216 33.38 46.82 41.24
CA LYS A 216 32.68 45.57 40.97
C LYS A 216 33.59 44.37 41.17
N LYS A 217 32.97 43.21 41.45
CA LYS A 217 33.70 41.96 41.60
C LYS A 217 34.32 41.46 40.31
N VAL A 218 33.97 42.06 39.16
CA VAL A 218 34.47 41.55 37.90
C VAL A 218 35.97 41.76 37.75
N CYS A 219 36.56 42.58 38.60
CA CYS A 219 38.01 42.66 38.71
C CYS A 219 38.43 42.22 40.11
N LYS A 220 39.49 41.41 40.17
CA LYS A 220 40.17 40.92 41.37
C LYS A 220 39.47 39.71 41.99
N VAL A 221 38.34 39.27 41.45
CA VAL A 221 37.66 38.09 41.98
C VAL A 221 37.66 36.98 40.94
N PRO A 222 38.42 35.91 41.16
CA PRO A 222 38.59 34.87 40.13
C PRO A 222 37.28 34.21 39.69
N PRO A 223 36.39 33.81 40.63
CA PRO A 223 35.16 33.14 40.15
C PRO A 223 34.30 34.01 39.25
N CYS A 224 34.21 35.31 39.53
CA CYS A 224 33.37 36.19 38.73
C CYS A 224 33.93 36.40 37.33
N GLN A 225 35.26 36.53 37.23
CA GLN A 225 35.86 36.76 35.93
C GLN A 225 35.72 35.55 35.01
N ASN A 226 35.56 34.36 35.58
CA ASN A 226 35.26 33.20 34.76
C ASN A 226 33.78 33.16 34.36
N ALA A 227 32.92 33.66 35.26
CA ALA A 227 31.49 33.71 34.97
C ALA A 227 31.20 34.70 33.84
N CYS A 228 31.96 35.79 33.79
CA CYS A 228 31.73 36.82 32.78
C CYS A 228 32.14 36.34 31.39
N LYS A 229 33.26 35.62 31.30
CA LYS A 229 33.64 35.02 30.03
C LYS A 229 32.63 33.97 29.60
N SER A 230 32.10 33.20 30.55
CA SER A 230 31.09 32.20 30.23
C SER A 230 29.85 32.86 29.65
N TYR A 231 29.53 34.07 30.10
CA TYR A 231 28.46 34.84 29.47
C TYR A 231 28.88 35.24 28.06
N ASP A 232 30.14 35.64 27.89
CA ASP A 232 30.62 36.06 26.57
C ASP A 232 30.37 34.98 25.54
N GLN A 233 30.67 33.72 25.88
CA GLN A 233 30.45 32.62 24.95
C GLN A 233 28.98 32.59 24.49
N TRP A 234 28.06 32.63 25.44
CA TRP A 234 26.63 32.60 25.12
C TRP A 234 26.25 33.73 24.17
N ILE A 235 26.48 34.98 24.60
CA ILE A 235 26.10 36.13 23.79
C ILE A 235 26.89 36.21 22.50
N THR A 236 28.04 35.54 22.42
CA THR A 236 28.77 35.47 21.16
C THR A 236 28.10 34.51 20.19
N ARG A 237 27.79 33.30 20.67
CA ARG A 237 27.11 32.32 19.83
C ARG A 237 25.75 32.85 19.38
N LYS A 238 25.01 33.45 20.31
CA LYS A 238 23.71 34.03 19.96
C LYS A 238 23.85 35.14 18.92
N LYS A 239 24.95 35.90 18.99
CA LYS A 239 25.18 36.95 18.01
C LYS A 239 25.57 36.35 16.66
N ASN A 240 26.53 35.43 16.67
CA ASN A 240 26.94 34.77 15.42
C ASN A 240 25.81 33.94 14.82
N GLN A 241 24.86 33.50 15.65
CA GLN A 241 23.74 32.73 15.14
C GLN A 241 22.79 33.64 14.38
N TRP A 242 22.23 34.65 15.05
CA TRP A 242 21.35 35.60 14.39
C TRP A 242 21.99 36.19 13.15
N ASP A 243 23.32 36.25 13.10
CA ASP A 243 23.99 36.70 11.89
C ASP A 243 23.68 35.77 10.73
N VAL A 244 23.93 34.47 10.91
CA VAL A 244 23.73 33.51 9.83
C VAL A 244 22.24 33.38 9.50
N LEU A 245 21.42 33.25 10.54
CA LEU A 245 20.00 32.96 10.33
C LEU A 245 19.25 34.13 9.72
N SER A 246 19.63 35.37 10.07
CA SER A 246 18.92 36.52 9.53
C SER A 246 19.21 36.69 8.05
N ASN A 247 20.44 36.38 7.63
CA ASN A 247 20.77 36.45 6.21
C ASN A 247 19.95 35.45 5.40
N LYS A 248 19.74 34.26 5.97
CA LYS A 248 18.91 33.26 5.30
C LYS A 248 17.47 33.74 5.18
N PHE A 249 17.01 34.59 6.09
CA PHE A 249 15.70 35.20 5.93
C PHE A 249 15.68 36.15 4.74
N ILE A 250 16.74 36.94 4.59
CA ILE A 250 16.79 37.94 3.52
C ILE A 250 17.09 37.28 2.18
N SER A 251 17.99 36.30 2.16
CA SER A 251 18.30 35.60 0.93
C SER A 251 17.14 34.75 0.41
N VAL A 252 16.08 34.60 1.19
CA VAL A 252 14.87 33.89 0.77
C VAL A 252 13.83 34.92 0.36
N LYS A 253 13.46 35.80 1.29
CA LYS A 253 12.46 36.83 1.01
C LYS A 253 12.79 37.63 -0.24
N ASN A 254 14.08 37.90 -0.49
CA ASN A 254 14.49 38.66 -1.67
C ASN A 254 14.57 37.80 -2.93
N ALA A 255 15.17 36.60 -2.82
CA ALA A 255 15.41 35.76 -4.00
C ALA A 255 14.17 34.99 -4.44
N GLU A 256 13.29 34.64 -3.51
CA GLU A 256 12.02 34.01 -3.81
C GLU A 256 10.91 35.03 -3.56
N LYS A 257 9.81 34.92 -4.32
CA LYS A 257 8.73 35.88 -4.12
C LYS A 257 7.98 35.50 -2.85
N VAL A 258 8.04 36.38 -1.85
CA VAL A 258 7.43 36.16 -0.55
C VAL A 258 6.29 37.17 -0.38
N GLN A 259 5.07 36.64 -0.32
CA GLN A 259 3.86 37.46 -0.29
C GLN A 259 3.47 37.89 1.12
N THR A 260 4.23 37.48 2.15
CA THR A 260 3.92 37.89 3.52
C THR A 260 4.72 39.16 3.80
N ALA A 261 4.01 40.29 3.84
CA ALA A 261 4.61 41.59 4.11
C ALA A 261 4.48 42.00 5.57
N GLY A 262 3.79 41.20 6.39
CA GLY A 262 3.77 41.45 7.82
C GLY A 262 5.13 41.29 8.46
N ILE A 263 6.05 40.62 7.77
CA ILE A 263 7.45 40.53 8.17
C ILE A 263 8.30 40.90 6.97
N VAL A 264 8.91 42.08 6.98
CA VAL A 264 9.92 42.45 5.99
C VAL A 264 11.34 42.29 6.52
N THR A 265 11.52 42.12 7.82
CA THR A 265 12.83 42.14 8.46
C THR A 265 12.94 40.94 9.41
N PRO A 266 14.17 40.49 9.71
CA PRO A 266 14.30 39.42 10.71
C PRO A 266 13.81 39.82 12.08
N TYR A 267 13.75 41.13 12.38
CA TYR A 267 13.21 41.60 13.64
C TYR A 267 11.70 41.41 13.71
N ASP A 268 11.00 41.50 12.59
CA ASP A 268 9.54 41.47 12.60
C ASP A 268 8.98 40.11 13.04
N ILE A 269 9.77 39.03 12.94
CA ILE A 269 9.29 37.72 13.38
C ILE A 269 9.11 37.70 14.89
N LEU A 270 10.16 38.09 15.62
CA LEU A 270 10.07 38.13 17.08
C LEU A 270 9.06 39.16 17.54
N LYS A 271 8.82 40.20 16.74
CA LYS A 271 7.86 41.24 17.11
C LYS A 271 6.45 40.71 17.12
N GLN A 272 6.12 39.79 16.21
CA GLN A 272 4.80 39.21 16.17
C GLN A 272 4.67 37.93 17.00
N GLU A 273 5.80 37.36 17.42
CA GLU A 273 5.84 36.13 18.22
C GLU A 273 5.65 36.39 19.70
N LEU A 274 6.24 37.49 20.19
CA LEU A 274 6.22 37.80 21.61
C LEU A 274 5.85 39.25 21.84
N ASP A 275 5.50 39.50 23.11
CA ASP A 275 4.90 40.78 23.48
C ASP A 275 5.94 41.82 23.92
N GLU A 276 6.67 41.57 25.01
CA GLU A 276 7.52 42.61 25.59
C GLU A 276 8.82 42.85 24.77
N PHE A 277 8.96 42.19 23.61
CA PHE A 277 10.11 42.40 22.74
C PHE A 277 10.26 43.87 22.33
N ASN A 278 11.46 44.41 22.50
CA ASN A 278 11.82 45.74 22.04
C ASN A 278 12.91 45.63 20.97
N GLU A 279 12.72 46.32 19.85
CA GLU A 279 13.72 46.26 18.77
C GLU A 279 15.06 46.84 19.22
N VAL A 280 15.02 47.94 19.97
CA VAL A 280 16.25 48.61 20.38
C VAL A 280 17.01 47.76 21.39
N ALA A 281 16.32 47.28 22.42
CA ALA A 281 16.99 46.54 23.49
C ALA A 281 17.63 45.27 22.97
N PHE A 282 16.97 44.58 22.04
CA PHE A 282 17.52 43.36 21.47
C PHE A 282 18.87 43.61 20.82
N GLU A 283 19.03 44.79 20.21
CA GLU A 283 20.28 45.11 19.54
C GLU A 283 21.42 45.31 20.53
N ASN A 284 21.12 45.96 21.66
CA ASN A 284 22.14 46.23 22.67
C ASN A 284 22.58 44.94 23.36
N GLU A 285 21.61 44.10 23.74
CA GLU A 285 21.92 42.87 24.44
C GLU A 285 22.81 41.97 23.60
N ILE A 286 22.44 41.77 22.33
CA ILE A 286 23.19 40.88 21.46
C ILE A 286 24.57 41.46 21.13
N ASN A 287 24.73 42.77 21.24
CA ASN A 287 26.02 43.42 21.03
C ASN A 287 26.81 43.63 22.32
N LYS A 288 26.29 43.14 23.46
CA LYS A 288 26.92 43.23 24.77
C LYS A 288 27.06 44.67 25.28
N ARG A 289 26.29 45.61 24.76
CA ARG A 289 26.26 46.97 25.29
C ARG A 289 25.06 47.28 26.18
N ASP A 290 24.18 46.30 26.42
CA ASP A 290 22.95 46.56 27.14
C ASP A 290 23.22 46.94 28.59
N GLY A 291 22.22 47.54 29.22
CA GLY A 291 22.38 48.10 30.56
C GLY A 291 22.55 47.07 31.65
N ALA A 292 22.70 45.81 31.27
CA ALA A 292 23.04 44.71 32.18
C ALA A 292 24.52 44.37 32.09
N TYR A 293 24.97 43.91 30.92
CA TYR A 293 26.35 43.50 30.69
C TYR A 293 27.35 44.65 30.84
N ILE A 294 26.89 45.90 30.94
CA ILE A 294 27.81 46.93 31.40
C ILE A 294 27.89 46.93 32.93
N GLU A 295 26.75 46.81 33.61
CA GLU A 295 26.76 46.85 35.06
C GLU A 295 27.35 45.59 35.65
N LEU A 296 27.38 44.49 34.88
CA LEU A 296 28.11 43.28 35.23
C LEU A 296 29.06 42.99 34.08
N CYS A 297 30.32 42.68 34.40
CA CYS A 297 31.44 42.37 33.48
C CYS A 297 32.24 43.58 33.00
N VAL A 298 31.90 44.82 33.35
CA VAL A 298 32.75 45.96 32.97
C VAL A 298 33.33 46.55 34.24
N CYS A 299 34.66 46.44 34.40
CA CYS A 299 35.34 46.91 35.61
C CYS A 299 35.51 48.43 35.64
N SER A 300 35.50 49.09 34.48
CA SER A 300 35.60 50.55 34.40
C SER A 300 34.23 51.23 34.52
N TYR B 11 -14.46 -8.49 -21.12
CA TYR B 11 -15.16 -8.85 -22.35
C TYR B 11 -16.43 -9.65 -22.05
N LYS B 12 -17.54 -8.93 -21.94
CA LYS B 12 -18.81 -9.51 -21.53
C LYS B 12 -19.60 -10.00 -22.74
N ARG B 13 -19.94 -11.28 -22.74
CA ARG B 13 -20.85 -11.82 -23.75
C ARG B 13 -22.22 -11.17 -23.62
N LYS B 14 -22.95 -11.12 -24.74
CA LYS B 14 -24.29 -10.54 -24.73
C LYS B 14 -25.20 -11.34 -23.80
N ARG B 15 -26.10 -10.62 -23.13
CA ARG B 15 -27.03 -11.29 -22.23
C ARG B 15 -28.02 -12.13 -23.02
N ARG B 16 -28.66 -13.09 -22.34
CA ARG B 16 -29.53 -14.10 -22.92
C ARG B 16 -28.74 -15.15 -23.69
N GLU B 17 -27.41 -14.99 -23.81
CA GLU B 17 -26.59 -16.01 -24.46
C GLU B 17 -26.26 -17.16 -23.53
N ARG B 18 -26.39 -16.95 -22.22
CA ARG B 18 -26.25 -17.99 -21.22
C ARG B 18 -27.23 -17.71 -20.09
N ASP B 19 -27.92 -18.75 -19.63
CA ASP B 19 -28.96 -18.58 -18.63
C ASP B 19 -28.42 -18.93 -17.24
N TRP B 20 -29.28 -18.80 -16.25
CA TRP B 20 -28.91 -19.13 -14.87
C TRP B 20 -28.64 -20.62 -14.75
N ASP B 21 -27.45 -20.98 -14.27
CA ASP B 21 -27.05 -22.37 -14.13
C ASP B 21 -27.36 -22.84 -12.71
N CYS B 22 -28.32 -23.75 -12.58
CA CYS B 22 -28.67 -24.32 -11.29
C CYS B 22 -27.97 -25.65 -11.02
N ASN B 23 -27.15 -26.12 -11.97
CA ASN B 23 -26.50 -27.41 -11.82
C ASN B 23 -25.29 -27.34 -10.87
N THR B 24 -24.53 -26.24 -10.93
CA THR B 24 -23.32 -26.14 -10.12
C THR B 24 -23.65 -26.08 -8.64
N LYS B 25 -24.56 -25.20 -8.25
CA LYS B 25 -25.15 -25.19 -6.92
C LYS B 25 -26.65 -25.39 -7.08
N LYS B 26 -27.14 -26.55 -6.65
CA LYS B 26 -28.55 -26.86 -6.81
C LYS B 26 -29.44 -26.17 -5.79
N ASP B 27 -28.88 -25.51 -4.79
CA ASP B 27 -29.70 -24.78 -3.82
C ASP B 27 -30.11 -23.40 -4.33
N VAL B 28 -29.34 -22.80 -5.23
CA VAL B 28 -29.69 -21.50 -5.80
C VAL B 28 -29.16 -21.42 -7.23
N CYS B 29 -29.95 -20.78 -8.11
CA CYS B 29 -29.55 -20.59 -9.49
C CYS B 29 -28.75 -19.31 -9.61
N ILE B 30 -27.62 -19.39 -10.31
CA ILE B 30 -26.65 -18.30 -10.38
C ILE B 30 -26.77 -17.63 -11.79
N PRO B 31 -26.97 -16.33 -11.85
CA PRO B 31 -27.05 -15.67 -13.17
C PRO B 31 -25.71 -15.71 -13.88
N ASP B 32 -25.77 -15.62 -15.22
CA ASP B 32 -24.55 -15.62 -15.99
C ASP B 32 -23.78 -14.31 -15.87
N ARG B 33 -24.46 -13.23 -15.49
CA ARG B 33 -23.77 -11.97 -15.24
C ARG B 33 -22.84 -12.11 -14.04
N ARG B 34 -23.30 -12.77 -12.98
CA ARG B 34 -22.48 -12.95 -11.78
C ARG B 34 -21.31 -13.88 -12.05
N TYR B 35 -21.48 -14.83 -12.97
CA TYR B 35 -20.37 -15.70 -13.33
C TYR B 35 -19.22 -14.91 -13.95
N GLN B 36 -19.54 -13.88 -14.71
CA GLN B 36 -18.56 -13.08 -15.42
C GLN B 36 -18.12 -11.86 -14.62
N LEU B 37 -18.60 -11.71 -13.38
CA LEU B 37 -18.19 -10.58 -12.54
C LEU B 37 -16.67 -10.51 -12.47
N CYS B 38 -16.13 -9.32 -12.72
CA CYS B 38 -14.68 -9.17 -12.80
C CYS B 38 -14.17 -8.83 -11.41
N MET B 39 -13.56 -9.81 -10.76
CA MET B 39 -12.84 -9.67 -9.51
C MET B 39 -11.31 -9.71 -9.67
N LYS B 40 -10.83 -9.73 -10.93
CA LYS B 40 -9.47 -10.19 -11.24
C LYS B 40 -8.39 -9.56 -10.37
N GLU B 41 -8.56 -8.31 -9.94
CA GLU B 41 -7.53 -7.69 -9.10
C GLU B 41 -7.64 -8.12 -7.65
N LEU B 42 -8.85 -8.40 -7.16
CA LEU B 42 -9.04 -8.83 -5.79
C LEU B 42 -8.39 -10.18 -5.51
N THR B 43 -7.96 -10.91 -6.55
CA THR B 43 -7.33 -12.21 -6.40
C THR B 43 -5.82 -12.14 -6.30
N ASN B 44 -5.22 -10.96 -6.46
CA ASN B 44 -3.78 -10.80 -6.32
C ASN B 44 -3.51 -9.97 -5.08
N LEU B 45 -3.07 -10.64 -4.01
CA LEU B 45 -2.86 -9.99 -2.72
C LEU B 45 -1.89 -10.81 -1.87
N PHE B 59 -1.27 -0.08 4.09
CA PHE B 59 -2.37 -0.43 4.97
C PHE B 59 -3.39 -1.29 4.23
N ARG B 60 -3.72 -2.45 4.82
CA ARG B 60 -4.56 -3.44 4.14
C ARG B 60 -5.94 -2.86 3.79
N LYS B 61 -6.56 -2.15 4.73
CA LYS B 61 -7.86 -1.55 4.47
C LYS B 61 -7.78 -0.54 3.34
N LEU B 62 -6.74 0.29 3.33
CA LEU B 62 -6.53 1.22 2.23
C LEU B 62 -5.99 0.52 0.98
N TYR B 63 -5.34 -0.63 1.14
CA TYR B 63 -4.84 -1.40 0.00
C TYR B 63 -5.95 -2.17 -0.70
N LEU B 64 -6.92 -2.66 0.06
CA LEU B 64 -8.01 -3.46 -0.50
C LEU B 64 -9.02 -2.62 -1.27
N LYS B 65 -9.27 -1.39 -0.82
CA LYS B 65 -10.17 -0.51 -1.57
C LYS B 65 -9.63 -0.20 -2.96
N ARG B 66 -8.30 -0.17 -3.10
CA ARG B 66 -7.69 0.07 -4.40
C ARG B 66 -7.88 -1.13 -5.34
N LYS B 67 -7.50 -2.32 -4.87
CA LYS B 67 -7.64 -3.52 -5.70
C LYS B 67 -9.09 -3.74 -6.12
N LEU B 68 -10.02 -3.40 -5.23
CA LEU B 68 -11.44 -3.55 -5.55
C LEU B 68 -11.91 -2.47 -6.52
N ILE B 69 -11.23 -1.32 -6.56
CA ILE B 69 -11.67 -0.21 -7.40
C ILE B 69 -11.36 -0.47 -8.86
N TYR B 70 -10.28 -1.21 -9.14
CA TYR B 70 -9.98 -1.59 -10.52
C TYR B 70 -11.05 -2.52 -11.05
N ASP B 71 -11.36 -3.57 -10.27
CA ASP B 71 -12.43 -4.49 -10.63
C ASP B 71 -13.78 -3.79 -10.70
N ALA B 72 -13.99 -2.77 -9.87
CA ALA B 72 -15.21 -1.98 -10.00
C ALA B 72 -15.18 -1.08 -11.22
N ALA B 73 -13.98 -0.69 -11.65
CA ALA B 73 -13.82 0.16 -12.82
C ALA B 73 -14.09 -0.63 -14.10
N VAL B 74 -13.28 -1.66 -14.35
CA VAL B 74 -13.42 -2.47 -15.56
C VAL B 74 -14.85 -2.99 -15.69
N GLU B 75 -15.36 -3.63 -14.64
CA GLU B 75 -16.71 -4.18 -14.66
C GLU B 75 -17.73 -3.14 -15.12
N GLY B 76 -17.86 -2.05 -14.35
CA GLY B 76 -18.78 -0.99 -14.70
C GLY B 76 -18.51 -0.35 -16.06
N ASP B 77 -17.29 -0.49 -16.57
CA ASP B 77 -16.97 -0.02 -17.91
C ASP B 77 -17.42 -1.00 -18.98
N LEU B 78 -17.20 -2.29 -18.75
CA LEU B 78 -17.52 -3.29 -19.78
C LEU B 78 -19.02 -3.46 -19.96
N LEU B 79 -19.75 -3.51 -18.84
CA LEU B 79 -21.21 -3.67 -18.90
C LEU B 79 -21.87 -2.59 -19.74
N LEU B 80 -21.32 -1.38 -19.72
CA LEU B 80 -21.85 -0.31 -20.56
C LEU B 80 -21.64 -0.63 -22.04
N LYS B 81 -20.43 -1.05 -22.40
CA LYS B 81 -20.18 -1.49 -23.77
C LYS B 81 -21.04 -2.70 -24.12
N LEU B 82 -21.28 -3.57 -23.14
CA LEU B 82 -22.21 -4.68 -23.32
C LEU B 82 -23.62 -4.20 -23.59
N ASN B 83 -23.97 -3.03 -23.07
CA ASN B 83 -25.27 -2.41 -23.27
C ASN B 83 -25.33 -1.58 -24.55
N ASN B 84 -24.29 -1.67 -25.39
CA ASN B 84 -24.16 -0.90 -26.62
C ASN B 84 -23.96 0.59 -26.33
N TYR B 85 -23.18 0.89 -25.29
CA TYR B 85 -22.80 2.25 -24.92
C TYR B 85 -24.02 3.14 -24.68
N ARG B 86 -25.16 2.53 -24.36
CA ARG B 86 -26.41 3.26 -24.20
C ARG B 86 -26.66 3.53 -22.73
N TYR B 87 -27.22 4.70 -22.44
CA TYR B 87 -27.62 5.04 -21.09
C TYR B 87 -29.13 4.82 -21.00
N ASN B 88 -29.51 3.74 -20.32
CA ASN B 88 -30.91 3.35 -20.19
C ASN B 88 -31.03 2.48 -18.96
N LYS B 89 -32.28 2.29 -18.52
CA LYS B 89 -32.55 1.55 -17.30
C LYS B 89 -31.87 0.19 -17.28
N ASP B 90 -31.72 -0.44 -18.46
CA ASP B 90 -31.03 -1.73 -18.52
C ASP B 90 -29.59 -1.62 -18.02
N PHE B 91 -28.94 -0.48 -18.27
CA PHE B 91 -27.55 -0.30 -17.84
C PHE B 91 -27.44 -0.14 -16.33
N CYS B 92 -28.32 0.67 -15.74
CA CYS B 92 -28.30 0.89 -14.29
C CYS B 92 -28.73 -0.35 -13.51
N LYS B 93 -29.44 -1.27 -14.15
CA LYS B 93 -29.73 -2.54 -13.51
C LYS B 93 -28.49 -3.43 -13.47
N ASP B 94 -27.71 -3.43 -14.56
CA ASP B 94 -26.51 -4.24 -14.62
C ASP B 94 -25.43 -3.73 -13.67
N ILE B 95 -25.40 -2.42 -13.42
CA ILE B 95 -24.45 -1.89 -12.44
C ILE B 95 -24.91 -2.20 -11.03
N ARG B 96 -26.22 -2.10 -10.78
CA ARG B 96 -26.74 -2.30 -9.43
C ARG B 96 -26.56 -3.74 -8.96
N TRP B 97 -26.96 -4.71 -9.78
CA TRP B 97 -26.75 -6.10 -9.41
C TRP B 97 -25.27 -6.42 -9.29
N SER B 98 -24.45 -5.84 -10.16
CA SER B 98 -23.01 -6.07 -10.10
C SER B 98 -22.40 -5.41 -8.87
N LEU B 99 -22.97 -4.28 -8.43
CA LEU B 99 -22.46 -3.61 -7.24
C LEU B 99 -22.68 -4.44 -5.99
N GLY B 100 -23.93 -4.87 -5.77
CA GLY B 100 -24.24 -5.64 -4.58
C GLY B 100 -23.48 -6.95 -4.53
N ASP B 101 -23.23 -7.55 -5.70
CA ASP B 101 -22.48 -8.80 -5.75
C ASP B 101 -21.09 -8.63 -5.17
N PHE B 102 -20.48 -7.45 -5.37
CA PHE B 102 -19.20 -7.16 -4.73
C PHE B 102 -19.33 -7.21 -3.23
N GLY B 103 -20.42 -6.65 -2.70
CA GLY B 103 -20.60 -6.61 -1.25
C GLY B 103 -20.67 -7.98 -0.63
N ASP B 104 -21.36 -8.91 -1.30
CA ASP B 104 -21.54 -10.24 -0.71
C ASP B 104 -20.23 -11.00 -0.63
N ILE B 105 -19.32 -10.76 -1.59
CA ILE B 105 -17.99 -11.36 -1.51
C ILE B 105 -17.17 -10.67 -0.43
N ILE B 106 -17.27 -9.35 -0.35
CA ILE B 106 -16.46 -8.60 0.61
C ILE B 106 -17.01 -8.76 2.03
N MET B 107 -18.30 -9.03 2.17
CA MET B 107 -18.87 -9.20 3.50
C MET B 107 -18.81 -10.66 3.94
N GLU B 112 -22.61 -17.87 -4.48
CA GLU B 112 -22.10 -18.15 -5.82
C GLU B 112 -20.72 -18.80 -5.78
N GLY B 113 -20.04 -18.69 -4.65
CA GLY B 113 -18.60 -18.96 -4.66
C GLY B 113 -18.24 -20.34 -5.16
N ILE B 114 -17.55 -20.34 -6.30
CA ILE B 114 -17.08 -21.53 -7.00
C ILE B 114 -15.85 -21.09 -7.78
N GLY B 115 -14.91 -22.01 -7.98
CA GLY B 115 -13.74 -21.67 -8.75
C GLY B 115 -12.86 -20.66 -8.02
N TYR B 116 -12.62 -19.51 -8.65
CA TYR B 116 -11.78 -18.49 -8.05
C TYR B 116 -12.55 -17.49 -7.19
N SER B 117 -13.88 -17.56 -7.16
CA SER B 117 -14.63 -16.71 -6.23
C SER B 117 -14.53 -17.22 -4.80
N LYS B 118 -14.12 -18.49 -4.62
CA LYS B 118 -13.73 -18.97 -3.31
C LYS B 118 -12.40 -18.36 -2.87
N VAL B 119 -11.50 -18.12 -3.83
CA VAL B 119 -10.17 -17.60 -3.51
C VAL B 119 -10.28 -16.17 -2.97
N VAL B 120 -11.17 -15.36 -3.55
CA VAL B 120 -11.35 -14.00 -3.07
C VAL B 120 -11.78 -14.02 -1.60
N GLU B 121 -12.68 -14.92 -1.24
CA GLU B 121 -13.16 -14.98 0.13
C GLU B 121 -12.02 -15.16 1.12
N ASN B 122 -11.12 -16.10 0.86
CA ASN B 122 -10.02 -16.33 1.80
C ASN B 122 -8.96 -15.25 1.73
N ASN B 123 -8.78 -14.63 0.56
CA ASN B 123 -7.86 -13.50 0.46
C ASN B 123 -8.32 -12.37 1.38
N LEU B 124 -9.62 -12.09 1.39
CA LEU B 124 -10.17 -11.08 2.27
C LEU B 124 -10.14 -11.53 3.74
N ARG B 125 -10.04 -12.83 3.98
CA ARG B 125 -10.02 -13.33 5.35
C ARG B 125 -8.77 -12.86 6.09
N SER B 126 -7.59 -13.19 5.56
CA SER B 126 -6.35 -12.76 6.21
C SER B 126 -6.21 -11.24 6.22
N ILE B 127 -6.94 -10.55 5.34
CA ILE B 127 -6.92 -9.09 5.33
C ILE B 127 -7.86 -8.52 6.40
N PHE B 128 -9.05 -9.10 6.56
CA PHE B 128 -10.00 -8.65 7.56
C PHE B 128 -9.98 -9.47 8.85
N GLY B 129 -9.21 -10.56 8.90
CA GLY B 129 -9.23 -11.42 10.07
C GLY B 129 -10.31 -12.48 9.98
N THR B 130 -10.08 -13.64 10.60
CA THR B 130 -11.05 -14.72 10.64
C THR B 130 -11.85 -14.78 11.94
N ASP B 131 -11.61 -13.87 12.88
CA ASP B 131 -12.20 -13.98 14.21
C ASP B 131 -13.71 -13.78 14.16
N GLU B 132 -14.39 -14.28 15.20
CA GLU B 132 -15.84 -14.19 15.29
C GLU B 132 -16.32 -12.76 15.10
N LYS B 133 -15.55 -11.79 15.63
CA LYS B 133 -15.90 -10.39 15.46
C LYS B 133 -15.61 -9.91 14.04
N ALA B 134 -14.63 -10.52 13.38
CA ALA B 134 -14.19 -10.03 12.07
C ALA B 134 -15.29 -10.09 11.02
N GLN B 135 -16.30 -10.93 11.24
CA GLN B 135 -17.46 -10.92 10.36
C GLN B 135 -18.19 -9.58 10.44
N GLN B 136 -18.17 -8.95 11.61
CA GLN B 136 -18.74 -7.61 11.79
C GLN B 136 -17.89 -6.53 11.13
N ARG B 137 -16.58 -6.75 10.97
CA ARG B 137 -15.72 -5.71 10.40
C ARG B 137 -15.94 -5.58 8.89
N ARG B 138 -16.24 -6.69 8.22
CA ARG B 138 -16.46 -6.67 6.78
C ARG B 138 -17.65 -5.80 6.41
N LYS B 139 -18.71 -5.83 7.20
CA LYS B 139 -19.89 -5.02 6.91
C LYS B 139 -19.60 -3.54 7.06
N GLN B 140 -19.01 -3.16 8.20
CA GLN B 140 -18.65 -1.76 8.45
C GLN B 140 -17.82 -1.19 7.31
N TRP B 141 -16.80 -1.92 6.88
CA TRP B 141 -15.94 -1.45 5.80
C TRP B 141 -16.71 -1.30 4.50
N TRP B 142 -17.61 -2.24 4.20
CA TRP B 142 -18.37 -2.15 2.96
C TRP B 142 -19.47 -1.11 3.02
N ASN B 143 -19.84 -0.64 4.22
CA ASN B 143 -20.78 0.47 4.35
C ASN B 143 -20.16 1.79 3.96
N GLU B 144 -18.87 1.98 4.28
CA GLU B 144 -18.22 3.23 3.92
C GLU B 144 -17.88 3.26 2.44
N SER B 145 -17.29 2.18 1.92
CA SER B 145 -16.75 2.16 0.57
C SER B 145 -17.85 2.18 -0.49
N LYS B 146 -19.04 1.68 -0.15
CA LYS B 146 -20.06 1.45 -1.18
C LYS B 146 -20.44 2.73 -1.90
N ALA B 147 -20.45 3.85 -1.20
CA ALA B 147 -20.78 5.14 -1.82
C ALA B 147 -19.71 5.55 -2.82
N GLN B 148 -18.47 5.11 -2.61
CA GLN B 148 -17.34 5.36 -3.50
C GLN B 148 -17.31 4.35 -4.65
N ILE B 149 -17.21 3.06 -4.30
CA ILE B 149 -17.11 1.98 -5.29
C ILE B 149 -18.17 2.14 -6.38
N TRP B 150 -19.38 2.52 -6.00
CA TRP B 150 -20.46 2.69 -6.96
C TRP B 150 -20.10 3.70 -8.04
N THR B 151 -19.51 4.83 -7.62
CA THR B 151 -19.05 5.82 -8.58
C THR B 151 -17.89 5.30 -9.43
N ALA B 152 -17.16 4.30 -8.95
CA ALA B 152 -16.02 3.81 -9.71
C ALA B 152 -16.44 3.01 -10.93
N MET B 153 -17.68 2.51 -10.97
CA MET B 153 -18.15 1.76 -12.12
C MET B 153 -18.68 2.65 -13.24
N MET B 154 -19.11 3.88 -12.93
CA MET B 154 -19.65 4.81 -13.92
C MET B 154 -18.67 5.87 -14.37
N TYR B 155 -17.45 5.92 -13.82
CA TYR B 155 -16.53 7.04 -14.08
C TYR B 155 -16.14 7.15 -15.54
N SER B 156 -16.26 6.07 -16.33
CA SER B 156 -15.91 6.12 -17.73
C SER B 156 -16.78 7.11 -18.50
N VAL B 157 -18.01 7.32 -18.02
CA VAL B 157 -18.94 8.23 -18.70
C VAL B 157 -18.33 9.62 -18.79
N LYS B 158 -18.45 10.24 -19.96
CA LYS B 158 -17.86 11.55 -20.22
C LYS B 158 -18.90 12.51 -20.78
N PRO B 179 -30.13 -8.33 0.73
CA PRO B 179 -29.72 -9.73 0.58
C PRO B 179 -29.42 -10.10 -0.88
N GLN B 180 -28.49 -11.03 -1.08
CA GLN B 180 -28.11 -11.40 -2.44
C GLN B 180 -29.26 -12.04 -3.19
N ILE B 181 -29.99 -12.96 -2.55
CA ILE B 181 -31.10 -13.62 -3.23
C ILE B 181 -32.20 -12.64 -3.56
N TYR B 182 -32.37 -11.59 -2.74
CA TYR B 182 -33.40 -10.59 -3.02
C TYR B 182 -33.10 -9.84 -4.32
N ARG B 183 -31.82 -9.67 -4.63
CA ARG B 183 -31.46 -9.00 -5.89
C ARG B 183 -31.66 -9.94 -7.07
N TRP B 184 -31.31 -11.22 -6.91
CA TRP B 184 -31.40 -12.16 -8.02
C TRP B 184 -32.84 -12.44 -8.43
N ILE B 185 -33.80 -12.22 -7.54
CA ILE B 185 -35.20 -12.31 -7.95
C ILE B 185 -35.58 -11.10 -8.77
N ARG B 186 -34.99 -9.94 -8.47
CA ARG B 186 -35.19 -8.75 -9.28
C ARG B 186 -34.60 -8.95 -10.67
N GLU B 187 -33.43 -9.59 -10.76
CA GLU B 187 -32.75 -9.76 -12.04
C GLU B 187 -33.46 -10.80 -12.90
N TRP B 188 -33.85 -11.94 -12.30
CA TRP B 188 -34.59 -12.95 -13.06
C TRP B 188 -35.95 -12.43 -13.50
N GLY B 189 -36.54 -11.53 -12.71
CA GLY B 189 -37.80 -10.94 -13.09
C GLY B 189 -37.68 -10.13 -14.37
N ARG B 190 -36.58 -9.39 -14.51
CA ARG B 190 -36.36 -8.61 -15.72
C ARG B 190 -35.93 -9.48 -16.89
N ASP B 191 -35.53 -10.72 -16.62
CA ASP B 191 -35.25 -11.67 -17.68
C ASP B 191 -36.54 -12.21 -18.29
N TYR B 192 -37.36 -12.88 -17.47
CA TYR B 192 -38.60 -13.46 -17.95
C TYR B 192 -39.49 -12.46 -18.68
N VAL B 193 -39.46 -11.19 -18.29
CA VAL B 193 -40.30 -10.23 -19.00
C VAL B 193 -39.71 -9.88 -20.36
N SER B 194 -38.38 -9.88 -20.48
CA SER B 194 -37.76 -9.63 -21.79
C SER B 194 -37.59 -10.89 -22.61
N GLU B 195 -37.62 -12.07 -21.99
CA GLU B 195 -37.53 -13.33 -22.73
C GLU B 195 -38.89 -13.89 -23.14
N LEU B 196 -39.97 -13.39 -22.52
CA LEU B 196 -41.30 -13.88 -22.87
C LEU B 196 -41.73 -13.43 -24.26
N PRO B 197 -41.63 -12.16 -24.64
CA PRO B 197 -42.12 -11.76 -25.98
C PRO B 197 -41.33 -12.40 -27.10
N THR B 198 -40.05 -12.69 -26.90
CA THR B 198 -39.26 -13.32 -27.95
C THR B 198 -39.71 -14.75 -28.21
N GLU B 199 -39.87 -15.53 -27.13
CA GLU B 199 -40.27 -16.93 -27.26
C GLU B 199 -41.65 -17.05 -27.89
N VAL B 200 -42.61 -16.25 -27.41
CA VAL B 200 -43.96 -16.30 -27.98
C VAL B 200 -43.93 -15.85 -29.43
N GLN B 201 -43.02 -14.94 -29.76
CA GLN B 201 -42.91 -14.46 -31.14
C GLN B 201 -42.37 -15.56 -32.05
N LYS B 202 -41.27 -16.20 -31.66
CA LYS B 202 -40.72 -17.29 -32.47
C LYS B 202 -41.72 -18.42 -32.64
N LEU B 203 -42.62 -18.58 -31.69
CA LEU B 203 -43.66 -19.61 -31.79
C LEU B 203 -44.78 -19.18 -32.71
N LYS B 204 -45.18 -17.90 -32.67
CA LYS B 204 -46.25 -17.42 -33.53
C LYS B 204 -45.88 -17.51 -35.00
N GLU B 205 -44.59 -17.34 -35.33
CA GLU B 205 -44.14 -17.52 -36.71
C GLU B 205 -44.38 -18.95 -37.16
N LYS B 206 -43.80 -19.91 -36.44
CA LYS B 206 -43.85 -21.31 -36.88
C LYS B 206 -45.21 -21.94 -36.59
N CYS B 207 -45.86 -21.57 -35.51
CA CYS B 207 -47.22 -22.04 -35.25
C CYS B 207 -48.15 -20.85 -35.32
N ASP B 208 -48.82 -20.72 -36.45
CA ASP B 208 -49.99 -19.87 -36.59
C ASP B 208 -50.69 -20.31 -37.87
N GLY B 209 -51.95 -19.95 -37.99
CA GLY B 209 -52.66 -20.19 -39.21
C GLY B 209 -53.16 -21.62 -39.32
N LYS B 210 -54.06 -21.81 -40.26
CA LYS B 210 -54.79 -23.06 -40.43
C LYS B 210 -54.12 -23.91 -41.50
N ILE B 211 -54.05 -25.22 -41.25
CA ILE B 211 -53.43 -26.13 -42.20
C ILE B 211 -54.31 -26.26 -43.42
N TYR B 213 -58.27 -25.88 -42.68
CA TYR B 213 -59.59 -25.68 -42.09
C TYR B 213 -59.52 -24.99 -40.74
N THR B 214 -60.12 -25.60 -39.73
CA THR B 214 -60.06 -25.05 -38.37
C THR B 214 -58.79 -25.46 -37.63
N ASP B 215 -58.27 -26.67 -37.87
CA ASP B 215 -57.24 -27.23 -37.01
C ASP B 215 -55.94 -26.42 -37.09
N LYS B 216 -55.27 -26.32 -35.95
CA LYS B 216 -54.03 -25.58 -35.84
C LYS B 216 -52.88 -26.36 -36.49
N LYS B 217 -51.82 -25.63 -36.84
CA LYS B 217 -50.62 -26.26 -37.36
C LYS B 217 -49.82 -27.00 -36.31
N VAL B 218 -50.23 -26.91 -35.04
CA VAL B 218 -49.54 -27.63 -33.98
C VAL B 218 -49.65 -29.14 -34.16
N CYS B 219 -50.59 -29.60 -34.97
CA CYS B 219 -50.66 -30.98 -35.41
C CYS B 219 -50.65 -31.06 -36.93
N LYS B 220 -49.87 -32.01 -37.46
CA LYS B 220 -49.70 -32.35 -38.87
C LYS B 220 -48.66 -31.47 -39.58
N VAL B 221 -48.09 -30.47 -38.91
CA VAL B 221 -47.05 -29.65 -39.50
C VAL B 221 -45.75 -29.85 -38.73
N PRO B 222 -44.77 -30.51 -39.32
CA PRO B 222 -43.51 -30.82 -38.60
C PRO B 222 -42.80 -29.58 -38.10
N PRO B 223 -42.66 -28.51 -38.91
CA PRO B 223 -41.93 -27.33 -38.40
C PRO B 223 -42.54 -26.71 -37.15
N CYS B 224 -43.86 -26.66 -37.06
CA CYS B 224 -44.48 -26.08 -35.88
C CYS B 224 -44.37 -27.00 -34.67
N GLN B 225 -44.44 -28.31 -34.90
CA GLN B 225 -44.35 -29.25 -33.79
C GLN B 225 -42.99 -29.19 -33.11
N ASN B 226 -41.95 -28.79 -33.83
CA ASN B 226 -40.65 -28.61 -33.20
C ASN B 226 -40.57 -27.29 -32.44
N ALA B 227 -41.23 -26.25 -32.96
CA ALA B 227 -41.21 -24.95 -32.30
C ALA B 227 -41.90 -25.00 -30.94
N CYS B 228 -43.01 -25.75 -30.86
CA CYS B 228 -43.71 -25.92 -29.59
C CYS B 228 -42.81 -26.64 -28.58
N LYS B 229 -42.08 -27.65 -29.02
CA LYS B 229 -41.12 -28.32 -28.15
C LYS B 229 -40.04 -27.34 -27.69
N SER B 230 -39.58 -26.48 -28.60
CA SER B 230 -38.58 -25.49 -28.24
C SER B 230 -39.13 -24.50 -27.22
N TYR B 231 -40.44 -24.20 -27.31
CA TYR B 231 -41.05 -23.38 -26.26
C TYR B 231 -41.08 -24.13 -24.95
N ASP B 232 -41.38 -25.43 -25.00
CA ASP B 232 -41.44 -26.23 -23.79
C ASP B 232 -40.13 -26.17 -23.01
N GLN B 233 -39.00 -26.17 -23.71
CA GLN B 233 -37.71 -26.11 -23.05
C GLN B 233 -37.58 -24.82 -22.25
N TRP B 234 -37.90 -23.68 -22.88
CA TRP B 234 -37.78 -22.39 -22.20
C TRP B 234 -38.66 -22.34 -20.96
N ILE B 235 -39.95 -22.68 -21.12
CA ILE B 235 -40.88 -22.59 -20.01
C ILE B 235 -40.64 -23.68 -18.97
N THR B 236 -39.95 -24.76 -19.34
CA THR B 236 -39.56 -25.76 -18.34
C THR B 236 -38.40 -25.27 -17.50
N ARG B 237 -37.35 -24.75 -18.15
CA ARG B 237 -36.22 -24.22 -17.41
C ARG B 237 -36.64 -23.03 -16.56
N LYS B 238 -37.46 -22.13 -17.12
CA LYS B 238 -37.95 -20.99 -16.35
C LYS B 238 -38.77 -21.44 -15.15
N LYS B 239 -39.53 -22.52 -15.30
CA LYS B 239 -40.30 -23.05 -14.17
C LYS B 239 -39.37 -23.72 -13.15
N ASN B 240 -38.43 -24.53 -13.64
CA ASN B 240 -37.46 -25.15 -12.75
C ASN B 240 -36.54 -24.14 -12.09
N GLN B 241 -36.36 -22.98 -12.71
CA GLN B 241 -35.52 -21.93 -12.14
C GLN B 241 -36.22 -21.27 -10.95
N TRP B 242 -37.38 -20.66 -11.20
CA TRP B 242 -38.14 -20.05 -10.12
C TRP B 242 -38.36 -21.01 -8.96
N ASP B 243 -38.43 -22.31 -9.25
CA ASP B 243 -38.57 -23.30 -8.20
C ASP B 243 -37.39 -23.24 -7.23
N VAL B 244 -36.17 -23.22 -7.76
CA VAL B 244 -34.99 -23.32 -6.89
C VAL B 244 -34.80 -22.04 -6.08
N LEU B 245 -34.76 -20.89 -6.76
CA LEU B 245 -34.36 -19.64 -6.09
C LEU B 245 -35.48 -19.04 -5.23
N SER B 246 -36.73 -19.40 -5.49
CA SER B 246 -37.79 -18.93 -4.60
C SER B 246 -37.68 -19.57 -3.23
N ASN B 247 -37.31 -20.86 -3.20
CA ASN B 247 -37.02 -21.50 -1.93
C ASN B 247 -35.82 -20.84 -1.25
N LYS B 248 -34.86 -20.37 -2.05
CA LYS B 248 -33.73 -19.64 -1.49
C LYS B 248 -34.17 -18.30 -0.93
N PHE B 249 -35.24 -17.70 -1.48
CA PHE B 249 -35.82 -16.53 -0.85
C PHE B 249 -36.42 -16.88 0.49
N ILE B 250 -37.13 -18.02 0.56
CA ILE B 250 -37.82 -18.39 1.79
C ILE B 250 -36.84 -18.96 2.81
N SER B 251 -35.87 -19.74 2.36
CA SER B 251 -34.86 -20.28 3.27
C SER B 251 -33.95 -19.21 3.85
N VAL B 252 -34.05 -17.97 3.37
CA VAL B 252 -33.28 -16.86 3.91
C VAL B 252 -34.18 -16.01 4.80
N LYS B 253 -35.24 -15.45 4.21
CA LYS B 253 -36.14 -14.58 4.97
C LYS B 253 -36.67 -15.26 6.23
N ASN B 254 -36.89 -16.58 6.20
CA ASN B 254 -37.36 -17.30 7.38
C ASN B 254 -36.24 -17.63 8.35
N ALA B 255 -35.09 -18.09 7.84
CA ALA B 255 -34.00 -18.51 8.71
C ALA B 255 -33.25 -17.33 9.32
N GLU B 256 -33.06 -16.25 8.56
CA GLU B 256 -32.37 -15.06 9.03
C GLU B 256 -33.32 -13.99 9.54
N LYS B 257 -34.64 -14.24 9.51
CA LYS B 257 -35.67 -13.29 9.93
C LYS B 257 -35.49 -11.94 9.23
N VAL B 258 -35.39 -11.97 7.90
CA VAL B 258 -35.22 -10.76 7.11
C VAL B 258 -36.47 -9.88 7.23
N GLY B 262 -41.57 -5.43 3.35
CA GLY B 262 -42.32 -5.07 2.17
C GLY B 262 -42.51 -6.24 1.22
N ILE B 263 -41.65 -7.25 1.35
CA ILE B 263 -41.71 -8.44 0.52
C ILE B 263 -41.74 -9.66 1.44
N VAL B 264 -42.90 -10.32 1.53
CA VAL B 264 -43.02 -11.58 2.25
C VAL B 264 -42.98 -12.81 1.34
N THR B 265 -43.13 -12.63 0.03
CA THR B 265 -43.28 -13.74 -0.90
C THR B 265 -42.33 -13.54 -2.08
N PRO B 266 -41.94 -14.62 -2.76
CA PRO B 266 -41.11 -14.46 -3.97
C PRO B 266 -41.81 -13.65 -5.06
N TYR B 267 -43.14 -13.60 -5.03
CA TYR B 267 -43.90 -12.86 -6.03
C TYR B 267 -43.85 -11.36 -5.79
N ASP B 268 -43.66 -10.94 -4.53
CA ASP B 268 -43.68 -9.52 -4.20
C ASP B 268 -42.48 -8.74 -4.74
N ILE B 269 -41.39 -9.43 -5.08
CA ILE B 269 -40.24 -8.74 -5.66
C ILE B 269 -40.59 -8.22 -7.06
N LEU B 270 -41.13 -9.10 -7.90
CA LEU B 270 -41.52 -8.70 -9.26
C LEU B 270 -42.65 -7.68 -9.25
N LYS B 271 -43.47 -7.68 -8.19
CA LYS B 271 -44.55 -6.72 -8.08
C LYS B 271 -44.01 -5.30 -7.90
N GLN B 272 -42.97 -5.14 -7.09
CA GLN B 272 -42.36 -3.84 -6.90
C GLN B 272 -41.41 -3.45 -8.01
N GLU B 273 -40.67 -4.41 -8.57
CA GLU B 273 -39.67 -4.11 -9.58
C GLU B 273 -40.26 -3.87 -10.96
N LEU B 274 -41.22 -4.70 -11.38
CA LEU B 274 -41.71 -4.68 -12.75
C LEU B 274 -42.93 -3.79 -12.90
N ASP B 275 -43.49 -3.78 -14.12
CA ASP B 275 -44.74 -3.10 -14.44
C ASP B 275 -45.68 -4.06 -15.16
N GLU B 276 -46.99 -3.78 -15.03
CA GLU B 276 -48.06 -4.64 -15.55
C GLU B 276 -47.93 -6.09 -15.06
N PHE B 277 -47.37 -6.30 -13.86
CA PHE B 277 -47.17 -7.67 -13.36
C PHE B 277 -48.42 -8.15 -12.65
N ASN B 278 -49.04 -9.19 -13.17
CA ASN B 278 -50.19 -9.82 -12.53
C ASN B 278 -49.74 -11.12 -11.87
N GLU B 279 -50.09 -11.29 -10.60
CA GLU B 279 -49.75 -12.52 -9.89
C GLU B 279 -50.45 -13.73 -10.52
N VAL B 280 -51.68 -13.53 -11.00
CA VAL B 280 -52.45 -14.64 -11.56
C VAL B 280 -51.87 -15.08 -12.90
N ALA B 281 -51.54 -14.12 -13.76
CA ALA B 281 -51.04 -14.46 -15.09
C ALA B 281 -49.64 -15.04 -15.03
N PHE B 282 -48.84 -14.66 -14.03
CA PHE B 282 -47.50 -15.23 -13.91
C PHE B 282 -47.57 -16.72 -13.58
N GLU B 283 -48.60 -17.13 -12.85
CA GLU B 283 -48.72 -18.52 -12.44
C GLU B 283 -49.11 -19.42 -13.60
N ASN B 284 -50.03 -18.95 -14.46
CA ASN B 284 -50.51 -19.81 -15.54
C ASN B 284 -49.48 -19.92 -16.66
N GLU B 285 -48.75 -18.85 -16.94
CA GLU B 285 -47.73 -18.88 -17.97
C GLU B 285 -46.63 -19.89 -17.62
N ILE B 286 -46.13 -19.82 -16.38
CA ILE B 286 -45.02 -20.67 -15.98
C ILE B 286 -45.44 -22.13 -15.88
N ASN B 287 -46.74 -22.41 -15.73
CA ASN B 287 -47.28 -23.76 -15.72
C ASN B 287 -47.79 -24.21 -17.07
N LYS B 288 -47.58 -23.39 -18.12
CA LYS B 288 -47.97 -23.67 -19.50
C LYS B 288 -49.49 -23.77 -19.71
N ARG B 289 -50.30 -23.20 -18.81
CA ARG B 289 -51.74 -23.15 -19.02
C ARG B 289 -52.25 -21.79 -19.51
N ASP B 290 -51.37 -20.82 -19.75
CA ASP B 290 -51.80 -19.47 -20.07
C ASP B 290 -52.54 -19.40 -21.40
N GLY B 291 -53.32 -18.33 -21.55
CA GLY B 291 -54.26 -18.21 -22.66
C GLY B 291 -53.59 -18.03 -24.01
N ALA B 292 -52.25 -18.11 -24.03
CA ALA B 292 -51.45 -18.09 -25.25
C ALA B 292 -50.99 -19.49 -25.64
N TYR B 293 -50.23 -20.13 -24.77
CA TYR B 293 -49.72 -21.49 -25.01
C TYR B 293 -50.82 -22.49 -25.34
N ILE B 294 -52.05 -22.26 -24.88
CA ILE B 294 -53.14 -23.18 -25.18
C ILE B 294 -53.58 -23.05 -26.63
N GLU B 295 -53.65 -21.84 -27.16
CA GLU B 295 -54.06 -21.67 -28.54
C GLU B 295 -52.98 -22.16 -29.49
N LEU B 296 -51.71 -21.90 -29.15
CA LEU B 296 -50.58 -22.25 -30.00
C LEU B 296 -50.20 -23.73 -29.89
N CYS B 297 -50.02 -24.23 -28.67
CA CYS B 297 -49.37 -25.52 -28.45
C CYS B 297 -50.33 -26.69 -28.21
N VAL B 298 -51.65 -26.51 -28.26
CA VAL B 298 -52.59 -27.59 -27.96
C VAL B 298 -53.44 -27.88 -29.20
N CYS B 299 -53.32 -29.10 -29.72
CA CYS B 299 -54.08 -29.51 -30.90
C CYS B 299 -55.55 -29.79 -30.59
N SER B 300 -55.89 -30.10 -29.35
CA SER B 300 -57.28 -30.35 -28.95
C SER B 300 -57.95 -29.05 -28.51
N ASP C 40 47.12 37.89 49.95
CA ASP C 40 47.93 36.76 50.39
C ASP C 40 47.10 35.87 51.31
N ILE C 41 46.62 34.73 50.80
CA ILE C 41 45.83 33.80 51.58
C ILE C 41 46.69 32.60 51.96
N VAL C 42 46.59 32.18 53.23
CA VAL C 42 47.40 31.09 53.74
C VAL C 42 46.76 29.75 53.38
N ILE C 43 47.58 28.82 52.89
CA ILE C 43 47.18 27.43 52.67
C ILE C 43 48.28 26.53 53.23
N THR C 44 47.87 25.45 53.90
CA THR C 44 48.85 24.50 54.42
C THR C 44 48.25 23.11 54.45
N GLN C 45 49.12 22.12 54.23
CA GLN C 45 48.75 20.71 54.24
C GLN C 45 49.63 19.98 55.24
N ASP C 46 49.21 18.77 55.61
CA ASP C 46 49.94 18.00 56.59
C ASP C 46 50.93 17.06 55.89
N GLU C 47 51.64 16.27 56.68
CA GLU C 47 52.64 15.34 56.17
C GLU C 47 52.20 13.92 56.44
N LEU C 48 52.51 13.00 55.52
CA LEU C 48 52.18 11.59 55.71
C LEU C 48 53.36 10.94 56.43
N SER C 49 53.10 10.54 57.67
CA SER C 49 54.13 10.17 58.62
C SER C 49 54.70 8.79 58.34
N ASN C 50 53.85 7.82 58.02
CA ASN C 50 54.34 6.48 57.78
C ASN C 50 54.15 6.10 56.32
N PRO C 51 55.05 5.27 55.78
CA PRO C 51 54.86 4.78 54.41
C PRO C 51 53.57 3.98 54.27
N VAL C 52 52.74 4.38 53.32
CA VAL C 52 51.39 3.87 53.20
C VAL C 52 51.41 2.50 52.52
N THR C 53 50.89 1.49 53.22
CA THR C 53 50.73 0.17 52.62
C THR C 53 49.68 0.23 51.52
N SER C 54 49.86 -0.59 50.49
CA SER C 54 48.91 -0.64 49.39
C SER C 54 47.55 -1.14 49.89
N GLY C 55 46.48 -0.49 49.45
CA GLY C 55 45.14 -0.82 49.88
C GLY C 55 44.75 -0.23 51.22
N GLU C 56 45.73 0.16 52.02
CA GLU C 56 45.46 0.93 53.22
C GLU C 56 44.89 2.28 52.83
N SER C 57 43.73 2.64 53.38
CA SER C 57 43.14 3.92 53.06
C SER C 57 43.95 5.04 53.70
N VAL C 58 43.54 6.28 53.42
CA VAL C 58 44.27 7.45 53.89
C VAL C 58 43.50 8.70 53.46
N SER C 59 43.75 9.81 54.15
CA SER C 59 43.07 11.06 53.87
C SER C 59 44.04 12.21 54.07
N ILE C 60 44.18 13.05 53.04
CA ILE C 60 45.01 14.24 53.10
C ILE C 60 44.12 15.43 53.42
N SER C 61 44.54 16.25 54.39
CA SER C 61 43.74 17.36 54.90
C SER C 61 44.29 18.68 54.41
N CYS C 62 43.39 19.58 54.00
CA CYS C 62 43.73 20.93 53.58
C CYS C 62 43.01 21.96 54.44
N ARG C 63 43.71 23.04 54.77
CA ARG C 63 43.20 24.10 55.65
C ARG C 63 43.55 25.46 55.05
N SER C 64 42.54 26.27 54.78
CA SER C 64 42.77 27.64 54.34
C SER C 64 42.77 28.60 55.54
N SER C 65 43.07 29.87 55.27
CA SER C 65 42.95 30.93 56.27
C SER C 65 41.66 31.72 56.13
N LYS C 66 40.84 31.41 55.13
CA LYS C 66 39.70 32.22 54.76
C LYS C 66 38.63 31.29 54.20
N SER C 67 37.37 31.69 54.36
CA SER C 67 36.28 30.93 53.76
C SER C 67 36.45 30.87 52.26
N LEU C 68 36.51 29.66 51.70
CA LEU C 68 36.60 29.51 50.27
C LEU C 68 35.24 29.48 49.60
N LEU C 69 34.17 29.60 50.39
CA LEU C 69 32.82 29.76 49.87
C LEU C 69 32.69 31.11 49.18
N TYR C 70 31.65 31.22 48.35
CA TYR C 70 31.48 32.41 47.53
C TYR C 70 30.04 32.89 47.59
N GLN C 71 29.76 34.00 46.91
CA GLN C 71 28.43 34.60 46.90
C GLN C 71 27.37 33.61 46.44
N ASP C 72 27.74 32.69 45.55
CA ASP C 72 26.80 31.68 45.08
C ASP C 72 26.69 30.49 46.02
N GLY C 73 27.43 30.49 47.12
CA GLY C 73 27.42 29.39 48.06
C GLY C 73 28.14 28.16 47.54
N LYS C 74 29.28 28.36 46.89
CA LYS C 74 30.07 27.27 46.34
C LYS C 74 31.49 27.35 46.89
N THR C 75 32.04 26.21 47.30
CA THR C 75 33.38 26.18 47.86
C THR C 75 34.37 25.95 46.74
N TYR C 76 35.16 26.98 46.44
CA TYR C 76 36.13 26.89 45.37
C TYR C 76 37.41 26.27 45.92
N LEU C 77 37.88 25.21 45.25
CA LEU C 77 38.99 24.42 45.74
C LEU C 77 39.31 23.38 44.68
N ASN C 78 40.54 22.84 44.75
CA ASN C 78 40.97 21.80 43.84
C ASN C 78 41.92 20.87 44.57
N TRP C 79 42.07 19.66 44.05
CA TRP C 79 42.99 18.66 44.58
C TRP C 79 43.74 18.04 43.42
N PHE C 80 45.06 18.15 43.41
CA PHE C 80 45.84 17.60 42.30
C PHE C 80 46.66 16.41 42.80
N LEU C 81 47.30 15.74 41.85
CA LEU C 81 48.34 14.78 42.15
C LEU C 81 49.39 14.88 41.05
N GLN C 82 50.62 15.10 41.46
CA GLN C 82 51.74 14.99 40.55
C GLN C 82 52.35 13.60 40.74
N ARG C 83 52.36 12.82 39.68
CA ARG C 83 53.14 11.59 39.67
C ARG C 83 54.57 11.97 39.97
N PRO C 84 55.41 11.07 40.50
CA PRO C 84 56.77 11.49 40.85
C PRO C 84 57.50 12.17 39.70
N GLY C 85 57.30 11.70 38.48
CA GLY C 85 57.95 12.32 37.34
C GLY C 85 57.07 13.09 36.37
N GLN C 86 55.78 13.27 36.68
CA GLN C 86 54.83 13.80 35.71
C GLN C 86 54.39 15.21 36.09
N SER C 87 53.47 15.74 35.29
CA SER C 87 52.83 17.04 35.41
C SER C 87 51.61 16.96 36.30
N PRO C 88 51.15 18.09 36.85
CA PRO C 88 49.97 18.06 37.71
C PRO C 88 48.75 17.56 36.96
N GLN C 89 47.90 16.83 37.69
CA GLN C 89 46.65 16.34 37.13
C GLN C 89 45.53 16.59 38.13
N LEU C 90 44.42 17.14 37.67
CA LEU C 90 43.31 17.43 38.56
C LEU C 90 42.67 16.13 39.01
N LEU C 91 42.27 16.09 40.27
CA LEU C 91 41.52 14.98 40.86
C LEU C 91 40.14 15.43 41.29
N ILE C 92 40.05 16.39 42.20
CA ILE C 92 38.80 16.79 42.83
C ILE C 92 38.68 18.31 42.74
N TYR C 93 37.51 18.80 42.33
CA TYR C 93 37.29 20.24 42.22
C TYR C 93 35.97 20.64 42.85
N LEU C 94 35.86 21.92 43.20
CA LEU C 94 34.68 22.48 43.83
C LEU C 94 34.26 21.64 45.03
N MET C 95 35.21 21.44 45.94
CA MET C 95 35.06 20.48 47.03
C MET C 95 34.78 19.10 46.45
N SER C 96 33.63 18.50 46.76
CA SER C 96 33.43 17.06 46.51
C SER C 96 33.44 16.68 45.04
N THR C 97 33.03 17.58 44.14
CA THR C 97 32.81 17.20 42.74
C THR C 97 34.08 16.60 42.14
N ARG C 98 33.96 15.38 41.59
CA ARG C 98 35.08 14.63 41.04
C ARG C 98 35.41 15.11 39.62
N ALA C 99 36.68 14.96 39.25
CA ALA C 99 37.13 15.29 37.90
C ALA C 99 36.99 14.09 37.00
N SER C 100 36.58 14.34 35.75
CA SER C 100 36.44 13.28 34.77
C SER C 100 37.77 12.62 34.48
N GLY C 101 37.77 11.29 34.37
CA GLY C 101 38.98 10.52 34.21
C GLY C 101 39.63 10.09 35.48
N VAL C 102 39.30 10.72 36.60
CA VAL C 102 39.87 10.41 37.91
C VAL C 102 39.09 9.27 38.53
N SER C 103 39.81 8.38 39.21
CA SER C 103 39.18 7.21 39.81
C SER C 103 38.09 7.63 40.79
N ASP C 104 37.08 6.77 40.93
CA ASP C 104 35.96 7.10 41.80
C ASP C 104 36.31 7.05 43.28
N ARG C 105 37.49 6.53 43.63
CA ARG C 105 37.86 6.29 45.03
C ARG C 105 38.56 7.48 45.68
N PHE C 106 38.64 8.62 44.99
CA PHE C 106 39.16 9.85 45.58
C PHE C 106 38.00 10.73 46.02
N SER C 107 37.89 10.97 47.33
CA SER C 107 36.80 11.75 47.92
C SER C 107 37.21 13.19 48.22
N GLY C 108 36.26 14.11 48.03
CA GLY C 108 36.50 15.54 48.11
C GLY C 108 35.94 16.30 49.30
N SER C 109 35.64 15.59 50.39
CA SER C 109 34.85 16.21 51.46
C SER C 109 35.52 17.46 52.04
N GLY C 110 34.67 18.38 52.52
CA GLY C 110 35.14 19.56 53.20
C GLY C 110 34.00 20.33 53.84
N SER C 111 34.35 21.07 54.87
CA SER C 111 33.39 21.96 55.52
C SER C 111 33.53 23.42 55.08
N GLY C 112 34.48 23.70 54.19
CA GLY C 112 34.63 24.99 53.52
C GLY C 112 35.79 25.86 53.99
N THR C 113 36.23 25.71 55.24
CA THR C 113 37.60 26.06 55.58
C THR C 113 38.45 24.83 55.84
N ASP C 114 37.82 23.67 55.97
CA ASP C 114 38.49 22.42 56.32
C ASP C 114 38.09 21.38 55.29
N PHE C 115 39.05 20.89 54.52
CA PHE C 115 38.80 19.92 53.48
C PHE C 115 39.70 18.70 53.67
N THR C 116 39.30 17.61 53.04
CA THR C 116 40.06 16.38 53.11
C THR C 116 39.91 15.65 51.79
N LEU C 117 41.01 15.07 51.31
CA LEU C 117 40.90 14.09 50.24
C LEU C 117 40.75 12.72 50.88
N GLU C 118 40.44 11.71 50.06
CA GLU C 118 40.44 10.34 50.57
C GLU C 118 40.92 9.39 49.49
N ILE C 119 41.93 8.59 49.82
CA ILE C 119 42.43 7.57 48.91
C ILE C 119 42.08 6.23 49.54
N SER C 120 41.12 5.52 48.93
CA SER C 120 40.64 4.25 49.45
C SER C 120 41.20 3.13 48.59
N ARG C 121 41.77 2.11 49.24
CA ARG C 121 42.45 1.01 48.56
C ARG C 121 43.57 1.56 47.67
N VAL C 122 44.47 2.31 48.31
CA VAL C 122 45.48 3.11 47.60
C VAL C 122 46.27 2.25 46.62
N GLU C 123 46.57 2.83 45.46
CA GLU C 123 47.24 2.15 44.36
C GLU C 123 48.67 2.63 44.23
N ALA C 124 49.55 1.75 43.75
CA ALA C 124 50.95 2.11 43.55
C ALA C 124 51.14 3.20 42.50
N GLU C 125 50.10 3.50 41.73
CA GLU C 125 50.19 4.59 40.75
C GLU C 125 50.02 5.95 41.40
N ASP C 126 49.31 6.00 42.53
CA ASP C 126 48.99 7.27 43.18
C ASP C 126 50.14 7.85 44.00
N VAL C 127 51.23 7.09 44.20
CA VAL C 127 52.33 7.59 45.01
C VAL C 127 52.89 8.85 44.38
N GLY C 128 52.96 9.92 45.17
CA GLY C 128 53.38 11.22 44.67
C GLY C 128 52.95 12.32 45.63
N VAL C 129 52.91 13.54 45.11
CA VAL C 129 52.61 14.73 45.91
C VAL C 129 51.26 15.30 45.53
N TYR C 130 50.46 15.66 46.53
CA TYR C 130 49.12 16.20 46.36
C TYR C 130 49.09 17.66 46.79
N TYR C 131 48.35 18.47 46.03
CA TYR C 131 48.24 19.91 46.26
C TYR C 131 46.79 20.34 46.34
N CYS C 132 46.53 21.49 46.99
CA CYS C 132 45.23 22.15 46.95
C CYS C 132 45.36 23.50 46.25
N GLN C 133 44.21 24.02 45.85
CA GLN C 133 44.09 25.33 45.23
C GLN C 133 42.87 26.01 45.82
N GLN C 134 42.96 27.33 46.01
CA GLN C 134 41.86 28.13 46.54
C GLN C 134 41.60 29.31 45.59
N LEU C 135 40.34 29.54 45.26
CA LEU C 135 39.97 30.60 44.33
C LEU C 135 39.33 31.84 44.96
N VAL C 136 39.26 31.95 46.30
CA VAL C 136 38.45 33.02 46.91
C VAL C 136 38.91 34.38 46.40
N GLU C 137 40.22 34.57 46.24
CA GLU C 137 40.76 35.80 45.66
C GLU C 137 42.15 35.51 45.12
N TYR C 138 42.57 36.32 44.16
CA TYR C 138 43.96 36.28 43.73
C TYR C 138 44.82 36.74 44.90
N PRO C 139 46.06 36.22 45.00
CA PRO C 139 46.65 35.23 44.10
C PRO C 139 46.18 33.80 44.35
N LEU C 140 46.16 32.99 43.30
CA LEU C 140 45.91 31.57 43.46
C LEU C 140 47.11 30.94 44.16
N THR C 141 46.85 30.24 45.26
CA THR C 141 47.89 29.72 46.13
C THR C 141 47.78 28.21 46.23
N PHE C 142 48.81 27.51 45.79
CA PHE C 142 48.91 26.07 45.95
C PHE C 142 49.71 25.77 47.21
N GLY C 143 49.18 24.89 48.06
CA GLY C 143 49.80 24.61 49.35
C GLY C 143 51.15 23.93 49.22
N ALA C 144 51.82 23.72 50.36
CA ALA C 144 53.15 23.13 50.32
C ALA C 144 53.15 21.76 49.67
N GLY C 145 52.07 21.00 49.87
CA GLY C 145 51.94 19.68 49.33
C GLY C 145 52.14 18.60 50.37
N THR C 146 51.57 17.43 50.11
CA THR C 146 51.72 16.28 51.00
C THR C 146 52.35 15.13 50.25
N LYS C 147 53.33 14.49 50.89
CA LYS C 147 54.05 13.39 50.27
C LYS C 147 53.22 12.11 50.32
N LEU C 148 53.73 11.05 49.69
CA LEU C 148 53.12 9.75 49.73
C LEU C 148 54.22 8.72 49.54
N GLU C 149 54.11 7.58 50.22
CA GLU C 149 55.11 6.53 50.12
C GLU C 149 54.48 5.24 49.59
N LEU C 150 55.33 4.41 49.01
CA LEU C 150 54.93 3.10 48.51
C LEU C 150 55.51 2.06 49.46
N LYS C 151 54.64 1.43 50.24
CA LYS C 151 55.03 0.40 51.19
C LYS C 151 54.75 -0.98 50.58
N ARG C 152 55.73 -1.87 50.66
CA ARG C 152 55.69 -3.11 49.90
C ARG C 152 56.45 -4.24 50.61
N GLN C 172 46.25 17.69 24.83
CA GLN C 172 47.46 18.05 25.57
C GLN C 172 48.04 19.39 25.13
N LEU C 173 49.06 19.84 25.86
CA LEU C 173 49.72 21.12 25.61
C LEU C 173 51.17 20.89 25.19
N GLN C 174 51.61 21.71 24.24
CA GLN C 174 52.97 21.65 23.71
C GLN C 174 53.76 22.78 24.36
N GLN C 175 54.66 22.43 25.29
CA GLN C 175 55.50 23.41 25.94
C GLN C 175 56.86 23.49 25.25
N SER C 176 57.42 24.68 25.23
CA SER C 176 58.73 24.88 24.63
C SER C 176 59.79 24.09 25.39
N GLY C 177 60.89 23.80 24.70
CA GLY C 177 61.96 23.00 25.25
C GLY C 177 62.73 23.71 26.34
N PRO C 178 63.81 23.09 26.80
CA PRO C 178 64.60 23.67 27.89
C PRO C 178 65.29 24.95 27.45
N GLU C 179 65.58 25.80 28.45
CA GLU C 179 66.20 27.09 28.21
C GLU C 179 67.27 27.35 29.26
N LEU C 180 68.48 27.71 28.82
CA LEU C 180 69.59 28.05 29.70
C LEU C 180 70.20 29.34 29.22
N VAL C 181 70.14 30.38 30.05
CA VAL C 181 70.62 31.71 29.70
C VAL C 181 71.28 32.37 30.91
N LYS C 182 72.05 33.42 30.62
CA LYS C 182 72.78 34.16 31.64
C LYS C 182 71.83 34.85 32.60
N PRO C 183 72.33 35.27 33.77
CA PRO C 183 71.51 36.12 34.63
C PRO C 183 71.14 37.43 33.94
N GLY C 184 70.00 37.98 34.32
CA GLY C 184 69.55 39.22 33.73
C GLY C 184 69.01 39.12 32.31
N ALA C 185 68.59 37.94 31.89
CA ALA C 185 68.07 37.78 30.54
C ALA C 185 66.55 37.65 30.56
N SER C 186 65.97 37.57 29.36
CA SER C 186 64.54 37.34 29.17
C SER C 186 64.38 36.35 28.03
N VAL C 187 63.75 35.21 28.31
CA VAL C 187 63.55 34.18 27.31
C VAL C 187 62.07 33.80 27.28
N LYS C 188 61.41 34.08 26.17
CA LYS C 188 60.02 33.68 25.98
C LYS C 188 59.95 32.16 25.80
N ILE C 189 58.91 31.57 26.38
CA ILE C 189 58.64 30.14 26.27
C ILE C 189 57.19 29.96 25.86
N SER C 190 56.92 28.93 25.06
CA SER C 190 55.60 28.81 24.49
C SER C 190 54.77 27.73 25.19
N CYS C 191 53.48 27.75 24.91
CA CYS C 191 52.55 26.67 25.24
C CYS C 191 51.60 26.59 24.06
N LYS C 192 51.59 25.46 23.35
CA LYS C 192 50.76 25.31 22.16
C LYS C 192 49.63 24.32 22.44
N ALA C 193 48.40 24.82 22.41
CA ALA C 193 47.21 24.01 22.64
C ALA C 193 46.51 23.75 21.31
N SER C 194 46.48 22.47 20.90
CA SER C 194 45.88 22.12 19.61
C SER C 194 44.37 22.37 19.59
N GLY C 195 43.72 22.28 20.74
CA GLY C 195 42.28 22.44 20.78
C GLY C 195 41.86 23.85 20.37
N TYR C 196 40.69 23.94 19.74
CA TYR C 196 40.14 25.25 19.39
C TYR C 196 39.57 25.98 20.61
N ALA C 197 39.55 25.34 21.78
CA ALA C 197 39.20 26.01 23.03
C ALA C 197 40.29 26.98 23.51
N PHE C 198 41.45 27.02 22.85
CA PHE C 198 42.52 27.93 23.27
C PHE C 198 42.05 29.38 23.27
N ILE C 199 41.25 29.77 22.28
CA ILE C 199 40.70 31.12 22.28
C ILE C 199 39.63 31.29 23.35
N SER C 200 38.93 30.22 23.71
CA SER C 200 37.88 30.26 24.71
C SER C 200 38.32 29.83 26.10
N SER C 201 39.60 29.48 26.29
CA SER C 201 40.04 28.97 27.58
C SER C 201 40.96 29.98 28.26
N TRP C 202 41.36 29.63 29.47
CA TRP C 202 42.26 30.44 30.28
C TRP C 202 43.60 29.72 30.34
N MET C 203 44.61 30.30 29.72
CA MET C 203 45.95 29.76 29.86
C MET C 203 46.54 30.27 31.17
N ASN C 204 46.82 29.34 32.08
CA ASN C 204 47.43 29.65 33.37
C ASN C 204 48.88 29.23 33.33
N TRP C 205 49.71 29.96 34.05
CA TRP C 205 51.13 29.66 34.15
C TRP C 205 51.49 29.36 35.60
N VAL C 206 52.38 28.38 35.77
CA VAL C 206 52.72 27.85 37.08
C VAL C 206 54.24 27.69 37.16
N LYS C 207 54.80 28.02 38.32
CA LYS C 207 56.25 28.00 38.54
C LYS C 207 56.58 26.92 39.56
N GLN C 208 57.24 25.85 39.10
CA GLN C 208 57.67 24.77 39.98
C GLN C 208 59.16 24.95 40.25
N ARG C 209 59.48 25.37 41.46
CA ARG C 209 60.87 25.39 41.87
C ARG C 209 61.33 23.97 42.15
N PRO C 210 62.63 23.69 42.07
CA PRO C 210 63.09 22.34 42.43
C PRO C 210 62.82 22.07 43.91
N GLY C 211 62.14 20.96 44.16
CA GLY C 211 61.78 20.57 45.52
C GLY C 211 60.89 21.56 46.26
N LYS C 212 59.94 22.17 45.54
CA LYS C 212 59.05 23.16 46.15
C LYS C 212 57.65 23.00 45.59
N GLY C 213 56.71 23.71 46.21
CA GLY C 213 55.34 23.75 45.75
C GLY C 213 55.16 24.61 44.52
N LEU C 214 53.91 24.96 44.25
CA LEU C 214 53.54 25.65 43.03
C LEU C 214 53.36 27.14 43.28
N GLU C 215 53.85 27.94 42.33
CA GLU C 215 53.73 29.40 42.36
C GLU C 215 52.94 29.81 41.12
N TRP C 216 51.76 30.39 41.34
CA TRP C 216 50.92 30.82 40.22
C TRP C 216 51.42 32.17 39.70
N ILE C 217 51.88 32.20 38.44
CA ILE C 217 52.36 33.44 37.84
C ILE C 217 51.20 34.31 37.37
N GLY C 218 50.26 33.73 36.63
CA GLY C 218 49.16 34.50 36.09
C GLY C 218 48.45 33.74 34.99
N ARG C 219 47.36 34.35 34.50
CA ARG C 219 46.58 33.75 33.44
C ARG C 219 46.15 34.80 32.44
N ILE C 220 46.01 34.38 31.18
CA ILE C 220 45.64 35.25 30.08
C ILE C 220 44.58 34.56 29.23
N TYR C 221 43.54 35.31 28.86
CA TYR C 221 42.42 34.80 28.07
C TYR C 221 42.59 35.26 26.64
N PRO C 222 42.96 34.38 25.70
CA PRO C 222 43.28 34.85 24.34
C PRO C 222 42.12 35.49 23.62
N GLY C 223 40.88 35.29 24.08
CA GLY C 223 39.74 35.87 23.39
C GLY C 223 39.67 37.39 23.46
N ASP C 224 39.59 37.94 24.67
CA ASP C 224 39.62 39.38 24.86
C ASP C 224 41.00 39.89 25.29
N GLY C 225 41.98 39.01 25.42
CA GLY C 225 43.32 39.44 25.80
C GLY C 225 43.45 39.92 27.23
N ASP C 226 42.62 39.41 28.13
CA ASP C 226 42.71 39.81 29.53
C ASP C 226 43.93 39.17 30.18
N THR C 227 44.41 39.83 31.24
CA THR C 227 45.57 39.36 31.98
C THR C 227 45.32 39.54 33.47
N HIS C 228 45.60 38.50 34.23
CA HIS C 228 45.64 38.57 35.69
C HIS C 228 47.08 38.26 36.10
N TYR C 229 47.67 39.12 36.91
CA TYR C 229 49.06 38.99 37.30
C TYR C 229 49.17 38.78 38.79
N ASN C 230 49.81 37.68 39.18
CA ASN C 230 50.19 37.49 40.57
C ASN C 230 51.06 38.66 41.02
N GLY C 231 50.75 39.21 42.18
CA GLY C 231 51.44 40.42 42.62
C GLY C 231 52.94 40.23 42.77
N LYS C 232 53.36 39.03 43.15
CA LYS C 232 54.78 38.74 43.29
C LYS C 232 55.50 38.91 41.95
N PHE C 233 54.91 38.38 40.89
CA PHE C 233 55.49 38.38 39.56
C PHE C 233 55.07 39.58 38.73
N LYS C 234 54.43 40.57 39.35
CA LYS C 234 53.79 41.69 38.68
C LYS C 234 54.63 42.29 37.55
N GLY C 235 55.92 42.47 37.78
CA GLY C 235 56.80 42.96 36.73
C GLY C 235 57.65 41.93 36.01
N LYS C 236 57.81 40.74 36.61
CA LYS C 236 58.73 39.73 36.07
C LYS C 236 58.10 38.90 34.97
N ALA C 237 56.79 38.98 34.78
CA ALA C 237 56.10 38.16 33.81
C ALA C 237 55.65 39.00 32.63
N THR C 238 55.81 38.47 31.43
CA THR C 238 55.18 39.02 30.24
C THR C 238 54.31 37.91 29.64
N LEU C 239 52.99 38.09 29.72
CA LEU C 239 52.06 37.08 29.28
C LEU C 239 51.43 37.54 27.97
N THR C 240 51.81 36.88 26.88
CA THR C 240 51.13 37.10 25.62
C THR C 240 50.48 35.80 25.19
N ALA C 241 49.71 35.88 24.10
CA ALA C 241 49.10 34.70 23.51
C ALA C 241 49.04 34.89 22.01
N ASP C 242 49.45 33.87 21.27
CA ASP C 242 49.24 33.84 19.83
C ASP C 242 47.92 33.15 19.55
N LYS C 243 47.08 33.81 18.74
CA LYS C 243 45.77 33.27 18.39
C LYS C 243 45.86 32.38 17.16
N SER C 244 46.33 32.95 16.04
CA SER C 244 46.36 32.26 14.76
C SER C 244 46.95 30.86 14.88
N SER C 245 48.07 30.72 15.56
CA SER C 245 48.66 29.40 15.76
C SER C 245 48.24 28.77 17.08
N SER C 246 47.38 29.44 17.85
CA SER C 246 46.95 28.96 19.16
C SER C 246 48.15 28.55 20.02
N THR C 247 48.98 29.53 20.34
CA THR C 247 50.18 29.33 21.14
C THR C 247 50.24 30.40 22.23
N ALA C 248 50.49 29.98 23.46
CA ALA C 248 50.62 30.90 24.57
C ALA C 248 52.09 31.14 24.89
N TYR C 249 52.41 32.36 25.28
CA TYR C 249 53.80 32.74 25.50
C TYR C 249 53.96 33.42 26.85
N MET C 250 55.06 33.12 27.52
CA MET C 250 55.44 33.77 28.76
C MET C 250 56.91 34.15 28.67
N GLN C 251 57.18 35.46 28.71
CA GLN C 251 58.54 35.97 28.73
C GLN C 251 58.83 36.46 30.15
N LEU C 252 59.76 35.80 30.81
CA LEU C 252 60.21 36.27 32.11
C LEU C 252 61.13 37.47 31.93
N SER C 253 61.01 38.43 32.83
CA SER C 253 61.84 39.63 32.80
C SER C 253 63.25 39.29 33.26
N SER C 254 64.06 40.33 33.47
CA SER C 254 65.50 40.15 33.67
C SER C 254 65.76 39.17 34.80
N LEU C 255 66.50 38.11 34.47
CA LEU C 255 66.54 36.93 35.30
C LEU C 255 67.37 37.15 36.56
N THR C 256 66.91 36.53 37.64
CA THR C 256 67.65 36.36 38.87
C THR C 256 67.89 34.88 39.08
N SER C 257 68.89 34.53 39.91
CA SER C 257 69.21 33.14 40.15
C SER C 257 68.02 32.38 40.72
N GLU C 258 67.15 33.08 41.46
CA GLU C 258 65.94 32.48 41.99
C GLU C 258 65.04 31.95 40.90
N ASP C 259 65.08 32.55 39.72
CA ASP C 259 64.15 32.21 38.66
C ASP C 259 64.39 30.82 38.07
N SER C 260 65.50 30.17 38.39
CA SER C 260 65.78 28.89 37.75
C SER C 260 64.84 27.84 38.34
N ALA C 261 63.98 27.29 37.49
CA ALA C 261 62.89 26.41 37.90
C ALA C 261 62.12 25.91 36.69
N VAL C 262 61.28 24.87 36.87
CA VAL C 262 60.41 24.39 35.80
C VAL C 262 59.10 25.15 35.85
N TYR C 263 58.58 25.48 34.68
CA TYR C 263 57.35 26.24 34.52
C TYR C 263 56.32 25.42 33.76
N PHE C 264 55.08 25.47 34.23
CA PHE C 264 53.97 24.70 33.65
C PHE C 264 52.84 25.65 33.25
N CYS C 265 52.15 25.29 32.16
CA CYS C 265 50.95 25.98 31.73
C CYS C 265 49.75 25.08 31.90
N ALA C 266 48.63 25.66 32.37
CA ALA C 266 47.43 24.90 32.69
C ALA C 266 46.23 25.53 32.01
N ARG C 267 45.60 24.77 31.10
CA ARG C 267 44.40 25.26 30.43
C ARG C 267 43.21 25.20 31.38
N GLU C 268 42.50 26.32 31.49
CA GLU C 268 41.31 26.40 32.34
C GLU C 268 40.09 26.63 31.45
N GLU C 269 39.13 25.72 31.53
CA GLU C 269 37.89 25.85 30.77
C GLU C 269 37.07 27.03 31.28
N THR C 270 36.64 27.90 30.37
CA THR C 270 35.89 29.08 30.78
C THR C 270 34.48 28.74 31.22
N ALA C 271 33.96 27.58 30.81
CA ALA C 271 32.61 27.17 31.20
C ALA C 271 32.56 26.79 32.67
N THR C 273 32.99 24.61 34.94
CA THR C 273 34.04 23.72 35.44
C THR C 273 35.23 24.49 36.01
N GLY C 274 35.96 25.15 35.12
CA GLY C 274 37.09 25.99 35.52
C GLY C 274 38.19 25.27 36.27
N GLY C 275 38.43 23.98 35.96
CA GLY C 275 39.54 23.27 36.55
C GLY C 275 40.77 23.30 35.64
N PHE C 276 41.95 23.02 36.19
CA PHE C 276 43.13 22.96 35.34
C PHE C 276 43.32 21.48 35.05
N ASP C 277 42.81 21.05 33.91
CA ASP C 277 42.98 19.67 33.47
C ASP C 277 44.26 19.48 32.68
N TYR C 278 44.54 20.40 31.76
CA TYR C 278 45.58 20.21 30.76
C TYR C 278 46.84 20.94 31.18
N TRP C 279 47.92 20.18 31.31
CA TRP C 279 49.23 20.70 31.66
C TRP C 279 50.23 20.22 30.62
N GLY C 280 51.40 20.88 30.57
CA GLY C 280 52.41 20.58 29.60
C GLY C 280 53.50 19.67 30.15
N GLN C 281 54.46 19.37 29.27
CA GLN C 281 55.62 18.57 29.67
C GLN C 281 56.53 19.33 30.62
N GLY C 282 56.45 20.65 30.63
CA GLY C 282 57.28 21.50 31.46
C GLY C 282 58.33 22.25 30.64
N THR C 283 58.89 23.28 31.26
CA THR C 283 59.98 24.04 30.68
C THR C 283 61.06 24.22 31.73
N THR C 284 62.24 23.64 31.50
CA THR C 284 63.34 23.75 32.44
C THR C 284 64.12 25.02 32.16
N LEU C 285 64.14 25.93 33.13
CA LEU C 285 64.88 27.19 33.00
C LEU C 285 66.09 27.16 33.93
N THR C 286 67.23 27.59 33.40
CA THR C 286 68.49 27.53 34.15
C THR C 286 69.26 28.84 33.99
N VAL C 287 69.78 29.33 35.11
CA VAL C 287 70.55 30.56 35.14
C VAL C 287 71.99 30.32 34.71
N ASP D 40 -48.69 -37.04 -49.39
CA ASP D 40 -47.66 -37.57 -50.27
C ASP D 40 -47.05 -36.47 -51.13
N ILE D 41 -45.84 -36.05 -50.75
CA ILE D 41 -45.10 -35.00 -51.46
C ILE D 41 -43.99 -35.63 -52.27
N VAL D 42 -43.83 -35.19 -53.51
CA VAL D 42 -42.92 -35.80 -54.47
C VAL D 42 -41.54 -35.16 -54.35
N ILE D 43 -40.50 -36.00 -54.36
CA ILE D 43 -39.12 -35.55 -54.36
C ILE D 43 -38.37 -36.40 -55.38
N THR D 44 -37.52 -35.76 -56.18
CA THR D 44 -36.73 -36.50 -57.15
C THR D 44 -35.37 -35.83 -57.34
N GLN D 45 -34.36 -36.66 -57.59
CA GLN D 45 -33.00 -36.22 -57.83
C GLN D 45 -32.54 -36.75 -59.18
N ASP D 46 -31.44 -36.19 -59.69
CA ASP D 46 -30.92 -36.59 -60.99
C ASP D 46 -29.83 -37.64 -60.83
N GLU D 47 -29.23 -38.04 -61.94
CA GLU D 47 -28.18 -39.05 -61.97
C GLU D 47 -26.89 -38.45 -62.50
N LEU D 48 -25.77 -38.80 -61.88
CA LEU D 48 -24.45 -38.36 -62.34
C LEU D 48 -23.85 -39.50 -63.13
N SER D 49 -23.86 -39.36 -64.46
CA SER D 49 -23.46 -40.45 -65.35
C SER D 49 -21.95 -40.56 -65.46
N ASN D 50 -21.28 -39.45 -65.70
CA ASN D 50 -19.83 -39.49 -65.90
C ASN D 50 -19.12 -39.69 -64.57
N PRO D 51 -18.21 -40.65 -64.47
CA PRO D 51 -17.43 -40.80 -63.24
C PRO D 51 -16.61 -39.53 -62.99
N VAL D 52 -16.75 -38.98 -61.79
CA VAL D 52 -16.26 -37.63 -61.50
C VAL D 52 -14.76 -37.67 -61.23
N THR D 53 -13.99 -36.97 -62.05
CA THR D 53 -12.56 -36.85 -61.85
C THR D 53 -12.28 -36.13 -60.53
N SER D 54 -11.16 -36.51 -59.90
CA SER D 54 -10.76 -35.84 -58.67
C SER D 54 -10.54 -34.35 -58.92
N GLY D 55 -11.08 -33.52 -58.02
CA GLY D 55 -10.98 -32.09 -58.14
C GLY D 55 -11.98 -31.46 -59.06
N GLU D 56 -12.59 -32.25 -59.95
CA GLU D 56 -13.68 -31.75 -60.77
C GLU D 56 -14.86 -31.37 -59.90
N SER D 57 -15.35 -30.15 -60.05
CA SER D 57 -16.52 -29.75 -59.28
C SER D 57 -17.75 -30.47 -59.83
N VAL D 58 -18.89 -30.23 -59.19
CA VAL D 58 -20.14 -30.88 -59.54
C VAL D 58 -21.25 -30.31 -58.68
N SER D 59 -22.49 -30.45 -59.12
CA SER D 59 -23.64 -29.97 -58.38
C SER D 59 -24.78 -30.94 -58.54
N ILE D 60 -25.34 -31.38 -57.41
CA ILE D 60 -26.49 -32.27 -57.39
C ILE D 60 -27.74 -31.43 -57.18
N SER D 61 -28.76 -31.68 -57.99
CA SER D 61 -29.99 -30.90 -57.98
C SER D 61 -31.15 -31.72 -57.42
N CYS D 62 -31.98 -31.07 -56.61
CA CYS D 62 -33.16 -31.67 -55.99
C CYS D 62 -34.40 -30.85 -56.31
N ARG D 63 -35.51 -31.53 -56.56
CA ARG D 63 -36.75 -30.87 -57.01
C ARG D 63 -37.93 -31.46 -56.25
N SER D 64 -38.66 -30.60 -55.53
CA SER D 64 -39.87 -31.01 -54.85
C SER D 64 -41.09 -30.79 -55.75
N SER D 65 -42.25 -31.23 -55.26
CA SER D 65 -43.53 -30.96 -55.92
C SER D 65 -44.28 -29.80 -55.28
N LYS D 66 -43.71 -29.18 -54.25
CA LYS D 66 -44.43 -28.22 -53.43
C LYS D 66 -43.43 -27.24 -52.84
N SER D 67 -43.90 -26.03 -52.54
CA SER D 67 -43.03 -25.05 -51.90
C SER D 67 -42.60 -25.55 -50.54
N LEU D 68 -41.29 -25.63 -50.33
CA LEU D 68 -40.75 -26.00 -49.03
C LEU D 68 -40.59 -24.80 -48.11
N LEU D 69 -40.98 -23.61 -48.58
CA LEU D 69 -41.05 -22.43 -47.74
C LEU D 69 -42.21 -22.56 -46.75
N TYR D 70 -42.14 -21.79 -45.68
CA TYR D 70 -43.08 -21.93 -44.57
C TYR D 70 -43.62 -20.55 -44.17
N GLN D 71 -44.50 -20.55 -43.16
CA GLN D 71 -45.07 -19.32 -42.63
C GLN D 71 -43.99 -18.33 -42.20
N ASP D 72 -42.86 -18.84 -41.69
CA ASP D 72 -41.77 -17.99 -41.24
C ASP D 72 -40.83 -17.58 -42.37
N GLY D 73 -41.11 -17.99 -43.60
CA GLY D 73 -40.25 -17.67 -44.72
C GLY D 73 -38.94 -18.41 -44.66
N LYS D 74 -38.99 -19.69 -44.32
CA LYS D 74 -37.82 -20.54 -44.27
C LYS D 74 -38.06 -21.77 -45.13
N THR D 75 -37.06 -22.11 -45.95
CA THR D 75 -37.15 -23.31 -46.79
C THR D 75 -36.60 -24.49 -46.01
N TYR D 76 -37.49 -25.44 -45.69
CA TYR D 76 -37.11 -26.63 -44.96
C TYR D 76 -36.66 -27.71 -45.93
N LEU D 77 -35.45 -28.21 -45.73
CA LEU D 77 -34.76 -29.08 -46.67
C LEU D 77 -33.46 -29.50 -46.04
N ASN D 78 -32.90 -30.59 -46.54
CA ASN D 78 -31.65 -31.15 -46.00
C ASN D 78 -30.88 -31.82 -47.13
N TRP D 79 -29.59 -32.02 -46.89
CA TRP D 79 -28.73 -32.72 -47.84
C TRP D 79 -27.84 -33.67 -47.07
N PHE D 80 -27.92 -34.96 -47.37
CA PHE D 80 -27.09 -35.94 -46.69
C PHE D 80 -26.09 -36.53 -47.66
N LEU D 81 -25.18 -37.32 -47.10
CA LEU D 81 -24.32 -38.19 -47.89
C LEU D 81 -24.08 -39.45 -47.09
N GLN D 82 -24.28 -40.59 -47.72
CA GLN D 82 -23.92 -41.87 -47.11
C GLN D 82 -22.54 -42.23 -47.65
N ARG D 83 -21.53 -42.20 -46.76
CA ARG D 83 -20.18 -42.63 -47.12
C ARG D 83 -20.28 -44.08 -47.61
N PRO D 84 -19.31 -44.58 -48.38
CA PRO D 84 -19.43 -45.98 -48.81
C PRO D 84 -19.46 -46.89 -47.59
N GLY D 85 -20.51 -47.71 -47.51
CA GLY D 85 -20.69 -48.60 -46.38
C GLY D 85 -20.84 -47.92 -45.02
N GLN D 86 -21.28 -46.67 -44.98
CA GLN D 86 -21.48 -45.94 -43.74
C GLN D 86 -22.94 -45.54 -43.58
N SER D 87 -23.23 -44.89 -42.46
CA SER D 87 -24.54 -44.37 -42.08
C SER D 87 -24.73 -42.97 -42.64
N PRO D 88 -25.97 -42.52 -42.78
CA PRO D 88 -26.21 -41.15 -43.26
C PRO D 88 -25.66 -40.13 -42.27
N GLN D 89 -25.07 -39.06 -42.82
CA GLN D 89 -24.59 -37.96 -42.01
C GLN D 89 -24.95 -36.66 -42.69
N LEU D 90 -25.39 -35.68 -41.91
CA LEU D 90 -25.93 -34.46 -42.50
C LEU D 90 -24.81 -33.61 -43.08
N LEU D 91 -25.12 -32.95 -44.19
CA LEU D 91 -24.23 -31.98 -44.84
C LEU D 91 -24.79 -30.58 -44.77
N ILE D 92 -25.97 -30.35 -45.33
CA ILE D 92 -26.60 -29.03 -45.41
C ILE D 92 -27.98 -29.13 -44.78
N TYR D 93 -28.23 -28.33 -43.74
CA TYR D 93 -29.49 -28.38 -43.00
C TYR D 93 -30.18 -27.04 -43.00
N LEU D 94 -31.47 -27.05 -42.68
CA LEU D 94 -32.24 -25.83 -42.53
C LEU D 94 -32.09 -24.90 -43.73
N MET D 95 -32.57 -25.40 -44.87
CA MET D 95 -32.18 -24.87 -46.17
C MET D 95 -30.67 -25.01 -46.37
N SER D 96 -29.99 -23.91 -46.73
CA SER D 96 -28.62 -23.93 -47.22
C SER D 96 -27.58 -23.92 -46.10
N THR D 97 -27.98 -23.56 -44.87
CA THR D 97 -27.01 -23.38 -43.79
C THR D 97 -26.21 -24.66 -43.56
N ARG D 98 -24.89 -24.53 -43.63
CA ARG D 98 -23.99 -25.67 -43.55
C ARG D 98 -24.07 -26.34 -42.19
N ALA D 99 -23.74 -27.63 -42.15
CA ALA D 99 -23.70 -28.38 -40.90
C ALA D 99 -22.31 -28.32 -40.28
N SER D 100 -22.28 -28.24 -38.95
CA SER D 100 -21.01 -28.23 -38.25
C SER D 100 -20.28 -29.55 -38.45
N GLY D 101 -18.96 -29.46 -38.65
CA GLY D 101 -18.15 -30.61 -38.95
C GLY D 101 -18.05 -30.96 -40.42
N VAL D 102 -18.96 -30.45 -41.25
CA VAL D 102 -19.00 -30.72 -42.67
C VAL D 102 -18.13 -29.70 -43.37
N SER D 103 -17.43 -30.16 -44.42
CA SER D 103 -16.48 -29.30 -45.12
C SER D 103 -17.16 -28.06 -45.65
N ASP D 104 -16.40 -26.97 -45.74
CA ASP D 104 -16.96 -25.70 -46.19
C ASP D 104 -17.25 -25.67 -47.69
N ARG D 105 -16.84 -26.68 -48.44
CA ARG D 105 -16.94 -26.68 -49.89
C ARG D 105 -18.24 -27.28 -50.42
N PHE D 106 -19.19 -27.60 -49.53
CA PHE D 106 -20.52 -28.07 -49.93
C PHE D 106 -21.52 -26.92 -49.85
N SER D 107 -22.07 -26.53 -51.00
CA SER D 107 -22.99 -25.39 -51.10
C SER D 107 -24.45 -25.82 -51.11
N GLY D 108 -25.32 -25.04 -50.44
CA GLY D 108 -26.71 -25.39 -50.22
C GLY D 108 -27.75 -24.65 -51.02
N SER D 109 -27.37 -24.09 -52.16
CA SER D 109 -28.25 -23.13 -52.84
C SER D 109 -29.56 -23.76 -53.30
N GLY D 110 -30.58 -22.91 -53.41
CA GLY D 110 -31.85 -23.32 -53.96
C GLY D 110 -32.86 -22.18 -53.93
N SER D 111 -33.84 -22.30 -54.81
CA SER D 111 -34.87 -21.28 -54.96
C SER D 111 -36.18 -21.63 -54.26
N GLY D 112 -36.23 -22.79 -53.60
CA GLY D 112 -37.33 -23.18 -52.74
C GLY D 112 -38.26 -24.26 -53.29
N THR D 113 -38.40 -24.38 -54.62
CA THR D 113 -38.91 -25.63 -55.16
C THR D 113 -37.83 -26.51 -55.77
N ASP D 114 -36.67 -25.92 -56.08
CA ASP D 114 -35.58 -26.63 -56.74
C ASP D 114 -34.27 -26.16 -56.12
N PHE D 115 -33.49 -27.10 -55.60
CA PHE D 115 -32.26 -26.79 -54.90
C PHE D 115 -31.08 -27.47 -55.57
N THR D 116 -29.89 -27.15 -55.09
CA THR D 116 -28.68 -27.73 -55.64
C THR D 116 -27.63 -27.83 -54.54
N LEU D 117 -26.92 -28.96 -54.51
CA LEU D 117 -25.72 -29.02 -53.70
C LEU D 117 -24.54 -28.68 -54.60
N GLU D 118 -23.37 -28.48 -54.00
CA GLU D 118 -22.18 -28.25 -54.81
C GLU D 118 -20.97 -28.87 -54.12
N ILE D 119 -20.24 -29.69 -54.86
CA ILE D 119 -19.01 -30.31 -54.37
C ILE D 119 -17.86 -29.71 -55.16
N SER D 120 -17.08 -28.87 -54.50
CA SER D 120 -16.00 -28.14 -55.15
C SER D 120 -14.66 -28.76 -54.77
N ARG D 121 -13.84 -29.05 -55.78
CA ARG D 121 -12.62 -29.84 -55.62
C ARG D 121 -12.94 -31.14 -54.90
N VAL D 122 -13.64 -32.02 -55.62
CA VAL D 122 -14.24 -33.21 -55.01
C VAL D 122 -13.17 -34.11 -54.41
N GLU D 123 -13.49 -34.70 -53.26
CA GLU D 123 -12.57 -35.55 -52.50
C GLU D 123 -12.97 -37.01 -52.64
N ALA D 124 -11.96 -37.89 -52.60
CA ALA D 124 -12.20 -39.31 -52.69
C ALA D 124 -13.02 -39.85 -51.52
N GLU D 125 -13.21 -39.04 -50.48
CA GLU D 125 -14.02 -39.43 -49.34
C GLU D 125 -15.51 -39.25 -49.61
N ASP D 126 -15.87 -38.31 -50.49
CA ASP D 126 -17.25 -37.94 -50.73
C ASP D 126 -17.98 -38.88 -51.67
N VAL D 127 -17.27 -39.80 -52.34
CA VAL D 127 -17.92 -40.72 -53.26
C VAL D 127 -18.98 -41.52 -52.51
N GLY D 128 -20.20 -41.50 -53.03
CA GLY D 128 -21.31 -42.15 -52.36
C GLY D 128 -22.64 -41.63 -52.88
N VAL D 129 -23.67 -41.76 -52.04
CA VAL D 129 -25.04 -41.40 -52.43
C VAL D 129 -25.51 -40.22 -51.58
N TYR D 130 -26.14 -39.25 -52.23
CA TYR D 130 -26.65 -38.04 -51.61
C TYR D 130 -28.17 -38.02 -51.66
N TYR D 131 -28.79 -37.56 -50.58
CA TYR D 131 -30.24 -37.51 -50.46
C TYR D 131 -30.68 -36.10 -50.07
N CYS D 132 -31.97 -35.80 -50.29
CA CYS D 132 -32.62 -34.61 -49.77
C CYS D 132 -33.80 -35.00 -48.89
N GLN D 133 -34.30 -34.03 -48.14
CA GLN D 133 -35.39 -34.23 -47.20
C GLN D 133 -36.25 -32.97 -47.20
N GLN D 134 -37.57 -33.13 -47.10
CA GLN D 134 -38.49 -32.01 -47.07
C GLN D 134 -39.29 -32.05 -45.78
N LEU D 135 -39.33 -30.93 -45.07
CA LEU D 135 -40.06 -30.87 -43.80
C LEU D 135 -41.41 -30.16 -43.85
N VAL D 136 -41.87 -29.66 -45.01
CA VAL D 136 -43.06 -28.81 -45.02
C VAL D 136 -44.26 -29.54 -44.41
N GLU D 137 -44.43 -30.83 -44.71
CA GLU D 137 -45.55 -31.59 -44.18
C GLU D 137 -45.22 -33.08 -44.11
N TYR D 138 -45.83 -33.75 -43.14
CA TYR D 138 -45.73 -35.21 -43.08
C TYR D 138 -46.35 -35.79 -44.36
N PRO D 139 -45.81 -36.92 -44.84
CA PRO D 139 -44.65 -37.64 -44.32
C PRO D 139 -43.33 -37.00 -44.77
N LEU D 140 -42.25 -37.25 -44.03
CA LEU D 140 -40.93 -36.84 -44.47
C LEU D 140 -40.44 -37.78 -45.55
N THR D 141 -40.01 -37.20 -46.68
CA THR D 141 -39.68 -37.98 -47.88
C THR D 141 -38.25 -37.70 -48.29
N PHE D 142 -37.44 -38.76 -48.37
CA PHE D 142 -36.10 -38.68 -48.90
C PHE D 142 -36.11 -39.12 -50.36
N GLY D 143 -35.46 -38.35 -51.22
CA GLY D 143 -35.47 -38.64 -52.64
C GLY D 143 -34.78 -39.95 -52.96
N ALA D 144 -34.86 -40.32 -54.25
CA ALA D 144 -34.28 -41.59 -54.69
C ALA D 144 -32.79 -41.65 -54.41
N GLY D 145 -32.10 -40.52 -54.52
CA GLY D 145 -30.68 -40.41 -54.28
C GLY D 145 -29.88 -40.31 -55.57
N THR D 146 -28.71 -39.68 -55.47
CA THR D 146 -27.82 -39.50 -56.61
C THR D 146 -26.50 -40.22 -56.35
N LYS D 147 -26.02 -40.98 -57.33
CA LYS D 147 -24.80 -41.73 -57.17
C LYS D 147 -23.58 -40.81 -57.29
N LEU D 148 -22.41 -41.39 -57.06
CA LEU D 148 -21.15 -40.70 -57.28
C LEU D 148 -20.08 -41.74 -57.59
N GLU D 149 -19.16 -41.40 -58.49
CA GLU D 149 -18.10 -42.29 -58.87
C GLU D 149 -16.75 -41.67 -58.52
N LEU D 150 -15.76 -42.52 -58.32
CA LEU D 150 -14.40 -42.07 -58.04
C LEU D 150 -13.57 -42.37 -59.29
N LYS D 151 -13.33 -41.35 -60.09
CA LYS D 151 -12.43 -41.38 -61.23
C LYS D 151 -10.99 -41.20 -60.76
N ARG D 152 -10.06 -41.57 -61.65
CA ARG D 152 -8.63 -41.29 -61.48
C ARG D 152 -7.95 -42.29 -60.55
N GLN D 172 -22.87 -40.42 -30.14
CA GLN D 172 -23.40 -41.37 -31.11
C GLN D 172 -24.59 -42.14 -30.56
N LEU D 173 -25.22 -42.95 -31.42
CA LEU D 173 -26.37 -43.75 -31.06
C LEU D 173 -26.01 -45.23 -31.04
N GLN D 174 -26.65 -45.97 -30.14
CA GLN D 174 -26.42 -47.40 -29.99
C GLN D 174 -27.68 -48.13 -30.48
N GLN D 175 -27.57 -48.72 -31.66
CA GLN D 175 -28.64 -49.53 -32.22
C GLN D 175 -28.45 -50.99 -31.83
N SER D 176 -29.57 -51.67 -31.63
CA SER D 176 -29.54 -53.10 -31.35
C SER D 176 -28.95 -53.87 -32.53
N GLY D 177 -28.46 -55.08 -32.24
CA GLY D 177 -27.83 -55.91 -33.24
C GLY D 177 -28.79 -56.47 -34.26
N PRO D 178 -28.29 -57.33 -35.15
CA PRO D 178 -29.13 -57.87 -36.21
C PRO D 178 -30.25 -58.74 -35.67
N GLU D 179 -31.29 -58.87 -36.48
CA GLU D 179 -32.48 -59.62 -36.10
C GLU D 179 -32.99 -60.42 -37.29
N LEU D 180 -33.27 -61.70 -37.07
CA LEU D 180 -33.80 -62.58 -38.11
C LEU D 180 -34.95 -63.38 -37.51
N VAL D 181 -36.15 -63.21 -38.05
CA VAL D 181 -37.34 -63.86 -37.51
C VAL D 181 -38.28 -64.25 -38.64
N LYS D 182 -39.20 -65.17 -38.32
CA LYS D 182 -40.17 -65.70 -39.28
C LYS D 182 -41.18 -64.62 -39.67
N PRO D 183 -41.94 -64.85 -40.75
CA PRO D 183 -43.10 -63.99 -41.00
C PRO D 183 -44.10 -64.15 -39.87
N GLY D 184 -44.89 -63.10 -39.64
CA GLY D 184 -45.85 -63.12 -38.56
C GLY D 184 -45.31 -62.78 -37.19
N ALA D 185 -44.06 -62.33 -37.10
CA ALA D 185 -43.46 -62.01 -35.81
C ALA D 185 -43.40 -60.50 -35.60
N SER D 186 -42.97 -60.11 -34.40
CA SER D 186 -42.68 -58.72 -34.08
C SER D 186 -41.43 -58.69 -33.23
N VAL D 187 -40.43 -57.93 -33.64
CA VAL D 187 -39.16 -57.87 -32.93
C VAL D 187 -38.83 -56.42 -32.65
N LYS D 188 -38.82 -56.05 -31.37
CA LYS D 188 -38.41 -54.71 -30.98
C LYS D 188 -36.91 -54.54 -31.19
N ILE D 189 -36.52 -53.34 -31.58
CA ILE D 189 -35.11 -52.99 -31.76
C ILE D 189 -34.85 -51.66 -31.09
N SER D 190 -33.66 -51.50 -30.53
CA SER D 190 -33.39 -50.33 -29.72
C SER D 190 -32.56 -49.28 -30.45
N CYS D 191 -32.50 -48.09 -29.84
CA CYS D 191 -31.54 -47.05 -30.18
C CYS D 191 -31.19 -46.38 -28.86
N LYS D 192 -29.92 -46.46 -28.45
CA LYS D 192 -29.51 -45.91 -27.17
C LYS D 192 -28.63 -44.69 -27.39
N ALA D 193 -29.11 -43.52 -26.94
CA ALA D 193 -28.39 -42.27 -27.06
C ALA D 193 -27.77 -41.93 -25.70
N SER D 194 -26.44 -41.87 -25.65
CA SER D 194 -25.75 -41.59 -24.40
C SER D 194 -25.99 -40.16 -23.95
N GLY D 195 -26.19 -39.24 -24.89
CA GLY D 195 -26.34 -37.83 -24.54
C GLY D 195 -27.56 -37.59 -23.67
N TYR D 196 -27.46 -36.53 -22.86
CA TYR D 196 -28.57 -36.09 -22.02
C TYR D 196 -29.67 -35.41 -22.80
N ALA D 197 -29.48 -35.20 -24.11
CA ALA D 197 -30.49 -34.57 -24.96
C ALA D 197 -31.54 -35.56 -25.46
N PHE D 198 -31.46 -36.83 -25.05
CA PHE D 198 -32.39 -37.85 -25.52
C PHE D 198 -33.83 -37.53 -25.11
N ILE D 199 -34.02 -36.98 -23.90
CA ILE D 199 -35.36 -36.58 -23.48
C ILE D 199 -35.81 -35.28 -24.12
N SER D 200 -34.86 -34.44 -24.55
CA SER D 200 -35.16 -33.17 -25.21
C SER D 200 -35.09 -33.21 -26.73
N SER D 201 -34.77 -34.36 -27.32
CA SER D 201 -34.63 -34.44 -28.77
C SER D 201 -35.75 -35.29 -29.36
N TRP D 202 -35.73 -35.38 -30.69
CA TRP D 202 -36.69 -36.18 -31.46
C TRP D 202 -35.96 -37.38 -32.02
N MET D 203 -36.30 -38.57 -31.53
CA MET D 203 -35.76 -39.78 -32.12
C MET D 203 -36.57 -40.12 -33.37
N ASN D 204 -35.91 -40.10 -34.52
CA ASN D 204 -36.54 -40.41 -35.79
C ASN D 204 -36.11 -41.80 -36.25
N TRP D 205 -37.01 -42.50 -36.92
CA TRP D 205 -36.72 -43.84 -37.40
C TRP D 205 -36.80 -43.87 -38.92
N VAL D 206 -35.84 -44.57 -39.53
CA VAL D 206 -35.65 -44.59 -40.97
C VAL D 206 -35.50 -46.03 -41.41
N LYS D 207 -35.99 -46.32 -42.61
CA LYS D 207 -35.98 -47.67 -43.18
C LYS D 207 -35.19 -47.65 -44.47
N GLN D 208 -34.02 -48.28 -44.47
CA GLN D 208 -33.18 -48.36 -45.66
C GLN D 208 -33.37 -49.75 -46.24
N ARG D 209 -34.11 -49.82 -47.33
CA ARG D 209 -34.28 -51.09 -48.01
C ARG D 209 -32.98 -51.42 -48.74
N PRO D 210 -32.72 -52.69 -49.03
CA PRO D 210 -31.55 -53.02 -49.84
C PRO D 210 -31.68 -52.40 -51.23
N GLY D 211 -30.65 -51.63 -51.60
CA GLY D 211 -30.66 -50.93 -52.88
C GLY D 211 -31.82 -49.98 -53.10
N LYS D 212 -32.22 -49.25 -52.06
CA LYS D 212 -33.33 -48.31 -52.16
C LYS D 212 -33.05 -47.06 -51.33
N GLY D 213 -33.91 -46.06 -51.51
CA GLY D 213 -33.81 -44.84 -50.74
C GLY D 213 -34.32 -45.01 -49.33
N LEU D 214 -34.54 -43.88 -48.67
CA LEU D 214 -34.94 -43.86 -47.27
C LEU D 214 -36.45 -43.74 -47.13
N GLU D 215 -37.00 -44.47 -46.15
CA GLU D 215 -38.42 -44.41 -45.82
C GLU D 215 -38.54 -44.00 -44.37
N TRP D 216 -39.18 -42.85 -44.13
CA TRP D 216 -39.34 -42.35 -42.76
C TRP D 216 -40.53 -43.03 -42.10
N ILE D 217 -40.27 -43.76 -41.00
CA ILE D 217 -41.32 -44.48 -40.28
C ILE D 217 -42.08 -43.56 -39.35
N GLY D 218 -41.37 -42.73 -38.59
CA GLY D 218 -42.00 -41.88 -37.60
C GLY D 218 -41.01 -41.39 -36.56
N ARG D 219 -41.50 -40.49 -35.70
CA ARG D 219 -40.68 -39.91 -34.66
C ARG D 219 -41.46 -39.80 -33.36
N ILE D 220 -40.74 -39.90 -32.25
CA ILE D 220 -41.32 -39.88 -30.92
C ILE D 220 -40.45 -39.02 -30.01
N TYR D 221 -41.10 -38.16 -29.21
CA TYR D 221 -40.39 -37.23 -28.33
C TYR D 221 -40.46 -37.75 -26.91
N PRO D 222 -39.37 -38.27 -26.35
CA PRO D 222 -39.45 -38.88 -25.01
C PRO D 222 -39.90 -37.93 -23.93
N GLY D 223 -39.86 -36.62 -24.16
CA GLY D 223 -40.26 -35.69 -23.13
C GLY D 223 -41.74 -35.72 -22.81
N ASP D 224 -42.58 -35.43 -23.79
CA ASP D 224 -44.02 -35.49 -23.61
C ASP D 224 -44.64 -36.77 -24.18
N GLY D 225 -43.83 -37.68 -24.72
CA GLY D 225 -44.36 -38.91 -25.27
C GLY D 225 -45.19 -38.74 -26.52
N ASP D 226 -44.91 -37.71 -27.32
CA ASP D 226 -45.66 -37.48 -28.54
C ASP D 226 -45.23 -38.43 -29.64
N THR D 227 -46.18 -38.76 -30.52
CA THR D 227 -45.95 -39.65 -31.64
C THR D 227 -46.68 -39.13 -32.87
N HIS D 228 -45.96 -39.00 -33.97
CA HIS D 228 -46.58 -38.80 -35.27
C HIS D 228 -46.07 -39.89 -36.20
N TYR D 229 -46.99 -40.61 -36.83
CA TYR D 229 -46.66 -41.81 -37.61
C TYR D 229 -46.82 -41.54 -39.09
N ASN D 230 -45.83 -41.95 -39.87
CA ASN D 230 -45.95 -41.99 -41.32
C ASN D 230 -47.12 -42.88 -41.71
N GLY D 231 -47.98 -42.35 -42.58
CA GLY D 231 -49.22 -43.04 -42.89
C GLY D 231 -49.03 -44.45 -43.41
N LYS D 232 -47.93 -44.69 -44.12
CA LYS D 232 -47.66 -46.03 -44.66
C LYS D 232 -47.50 -47.04 -43.54
N PHE D 233 -46.74 -46.68 -42.52
CA PHE D 233 -46.43 -47.55 -41.40
C PHE D 233 -47.41 -47.41 -40.25
N LYS D 234 -48.54 -46.74 -40.49
CA LYS D 234 -49.46 -46.34 -39.44
C LYS D 234 -49.72 -47.44 -38.42
N GLY D 235 -50.01 -48.66 -38.88
CA GLY D 235 -50.20 -49.76 -37.95
C GLY D 235 -49.00 -50.67 -37.75
N LYS D 236 -48.05 -50.62 -38.70
CA LYS D 236 -46.91 -51.53 -38.70
C LYS D 236 -45.81 -51.14 -37.72
N ALA D 237 -45.86 -49.92 -37.17
CA ALA D 237 -44.80 -49.43 -36.30
C ALA D 237 -45.32 -49.29 -34.87
N THR D 238 -44.53 -49.79 -33.92
CA THR D 238 -44.74 -49.50 -32.50
C THR D 238 -43.52 -48.73 -32.00
N LEU D 239 -43.72 -47.44 -31.73
CA LEU D 239 -42.64 -46.55 -31.31
C LEU D 239 -42.78 -46.29 -29.81
N THR D 240 -41.88 -46.85 -29.03
CA THR D 240 -41.79 -46.48 -27.62
C THR D 240 -40.46 -45.81 -27.36
N ALA D 241 -40.31 -45.32 -26.13
CA ALA D 241 -39.06 -44.72 -25.70
C ALA D 241 -38.84 -45.03 -24.23
N ASP D 242 -37.64 -45.50 -23.88
CA ASP D 242 -37.23 -45.63 -22.50
C ASP D 242 -36.52 -44.36 -22.07
N LYS D 243 -36.94 -43.81 -20.94
CA LYS D 243 -36.36 -42.58 -20.41
C LYS D 243 -35.18 -42.88 -19.50
N SER D 244 -35.42 -43.66 -18.44
CA SER D 244 -34.42 -43.93 -17.42
C SER D 244 -33.07 -44.30 -18.02
N SER D 245 -33.06 -45.24 -18.95
CA SER D 245 -31.80 -45.62 -19.59
C SER D 245 -31.54 -44.85 -20.87
N SER D 246 -32.41 -43.92 -21.24
CA SER D 246 -32.31 -43.16 -22.49
C SER D 246 -32.07 -44.10 -23.68
N THR D 247 -33.10 -44.91 -23.96
CA THR D 247 -33.07 -45.87 -25.06
C THR D 247 -34.38 -45.76 -25.83
N ALA D 248 -34.28 -45.70 -27.16
CA ALA D 248 -35.44 -45.62 -28.02
C ALA D 248 -35.74 -47.00 -28.61
N TYR D 249 -37.02 -47.31 -28.77
CA TYR D 249 -37.42 -48.62 -29.25
C TYR D 249 -38.39 -48.50 -30.41
N MET D 250 -38.23 -49.40 -31.38
CA MET D 250 -39.19 -49.58 -32.46
C MET D 250 -39.48 -51.06 -32.61
N GLN D 251 -40.73 -51.45 -32.37
CA GLN D 251 -41.19 -52.82 -32.57
C GLN D 251 -42.10 -52.84 -33.78
N LEU D 252 -41.65 -53.52 -34.84
CA LEU D 252 -42.46 -53.64 -36.04
C LEU D 252 -43.41 -54.82 -35.92
N SER D 253 -44.68 -54.58 -36.19
CA SER D 253 -45.62 -55.68 -36.40
C SER D 253 -45.24 -56.41 -37.69
N SER D 254 -45.86 -57.58 -37.90
CA SER D 254 -45.32 -58.61 -38.79
C SER D 254 -44.85 -58.07 -40.13
N LEU D 255 -43.68 -58.56 -40.54
CA LEU D 255 -43.03 -58.18 -41.79
C LEU D 255 -43.04 -59.36 -42.75
N THR D 256 -43.23 -59.04 -44.02
CA THR D 256 -42.93 -59.94 -45.12
C THR D 256 -41.56 -59.54 -45.68
N SER D 257 -41.20 -60.09 -46.83
CA SER D 257 -39.96 -59.70 -47.49
C SER D 257 -39.90 -58.20 -47.73
N GLU D 258 -41.07 -57.54 -47.86
CA GLU D 258 -41.10 -56.10 -48.13
C GLU D 258 -40.40 -55.31 -47.05
N ASP D 259 -40.70 -55.60 -45.79
CA ASP D 259 -40.11 -54.83 -44.69
C ASP D 259 -38.71 -55.30 -44.34
N SER D 260 -38.20 -56.36 -44.99
CA SER D 260 -36.85 -56.80 -44.71
C SER D 260 -35.88 -55.77 -45.25
N ALA D 261 -35.08 -55.19 -44.35
CA ALA D 261 -34.28 -54.01 -44.66
C ALA D 261 -33.50 -53.61 -43.40
N VAL D 262 -32.58 -52.67 -43.58
CA VAL D 262 -31.85 -52.07 -42.48
C VAL D 262 -32.59 -50.82 -42.02
N TYR D 263 -32.63 -50.61 -40.70
CA TYR D 263 -33.36 -49.50 -40.10
C TYR D 263 -32.40 -48.62 -39.32
N PHE D 264 -32.59 -47.31 -39.42
CA PHE D 264 -31.72 -46.32 -38.81
C PHE D 264 -32.53 -45.35 -37.95
N CYS D 265 -31.94 -44.94 -36.82
CA CYS D 265 -32.52 -43.93 -35.96
C CYS D 265 -31.74 -42.63 -36.11
N ALA D 266 -32.45 -41.51 -36.09
CA ALA D 266 -31.84 -40.20 -36.28
C ALA D 266 -32.32 -39.24 -35.20
N ARG D 267 -31.39 -38.79 -34.36
CA ARG D 267 -31.71 -37.84 -33.30
C ARG D 267 -31.84 -36.44 -33.87
N GLU D 268 -33.00 -35.81 -33.65
CA GLU D 268 -33.27 -34.47 -34.14
C GLU D 268 -33.26 -33.49 -32.98
N GLU D 269 -32.34 -32.53 -33.02
CA GLU D 269 -32.29 -31.48 -32.01
C GLU D 269 -33.57 -30.66 -32.05
N THR D 270 -34.21 -30.50 -30.88
CA THR D 270 -35.49 -29.80 -30.83
C THR D 270 -35.35 -28.30 -31.08
N ALA D 271 -34.16 -27.75 -30.92
CA ALA D 271 -33.93 -26.34 -31.20
C ALA D 271 -34.00 -26.10 -32.71
N GLN D 272 -33.71 -24.86 -33.11
CA GLN D 272 -33.93 -24.44 -34.49
C GLN D 272 -33.08 -25.20 -35.51
N THR D 273 -32.06 -25.92 -35.06
CA THR D 273 -31.27 -26.76 -35.97
C THR D 273 -32.13 -27.85 -36.60
N GLY D 274 -32.72 -28.70 -35.76
CA GLY D 274 -33.65 -29.71 -36.20
C GLY D 274 -33.15 -30.65 -37.27
N GLY D 275 -31.82 -30.78 -37.42
CA GLY D 275 -31.27 -31.66 -38.43
C GLY D 275 -30.99 -33.04 -37.87
N PHE D 276 -30.83 -34.03 -38.75
CA PHE D 276 -30.50 -35.36 -38.27
C PHE D 276 -29.00 -35.51 -38.48
N ASP D 277 -28.24 -35.23 -37.43
CA ASP D 277 -26.80 -35.45 -37.42
C ASP D 277 -26.44 -36.86 -36.96
N TYR D 278 -27.10 -37.32 -35.92
CA TYR D 278 -26.73 -38.54 -35.22
C TYR D 278 -27.55 -39.72 -35.72
N TRP D 279 -26.87 -40.71 -36.28
CA TRP D 279 -27.48 -41.93 -36.78
C TRP D 279 -26.73 -43.11 -36.18
N GLY D 280 -27.37 -44.28 -36.21
CA GLY D 280 -26.81 -45.47 -35.61
C GLY D 280 -26.02 -46.31 -36.61
N GLN D 281 -25.53 -47.45 -36.11
CA GLN D 281 -24.83 -48.39 -36.97
C GLN D 281 -25.77 -49.09 -37.93
N GLY D 282 -27.08 -49.08 -37.63
CA GLY D 282 -28.07 -49.78 -38.42
C GLY D 282 -28.53 -51.07 -37.75
N THR D 283 -29.68 -51.55 -38.20
CA THR D 283 -30.22 -52.83 -37.73
C THR D 283 -30.61 -53.66 -38.94
N THR D 284 -29.93 -54.77 -39.16
CA THR D 284 -30.26 -55.63 -40.29
C THR D 284 -31.38 -56.58 -39.89
N LEU D 285 -32.51 -56.47 -40.58
CA LEU D 285 -33.71 -57.23 -40.27
C LEU D 285 -34.04 -58.15 -41.44
N THR D 286 -34.24 -59.43 -41.13
CA THR D 286 -34.45 -60.44 -42.17
C THR D 286 -35.62 -61.37 -41.84
#